data_8Z02
#
_entry.id   8Z02
#
_cell.length_a   56.630
_cell.length_b   105.700
_cell.length_c   126.770
_cell.angle_alpha   90.000
_cell.angle_beta   90.000
_cell.angle_gamma   90.000
#
_symmetry.space_group_name_H-M   'P 21 21 21'
#
loop_
_entity.id
_entity.type
_entity.pdbx_description
1 polymer 'Succinate--CoA ligase [ADP/GDP-forming] subunit alpha, mitochondrial'
2 polymer 'Succinate--CoA ligase [GDP-forming] subunit beta, mitochondrial'
3 non-polymer 'COENZYME A'
4 non-polymer 'PHOSPHATE ION'
5 water water
#
loop_
_entity_poly.entity_id
_entity_poly.type
_entity_poly.pdbx_seq_one_letter_code
_entity_poly.pdbx_strand_id
1 'polypeptide(L)'
;MSYTASRQHLYVDKNTKIICQGFTGKQGTFHSQQALEYGTKLVGGTTPGKGGQTHLGLPVFNTVKEAKEQTGATASVIYV
PPPFAAAAINEAIEAEIPLVVCITEGIPQQDMVRVKHKLLRQEKTRLIGPNCPGVINPGECKIGIMPGHIHKKGRIGIVS
RSGTLTYEAVHQTTQVGLGQSLCVGIGGDPFNGTDFIDCLEIFLNDSATEGIILIGEIGGNAEENAAEFLKQHNSGPNSK
PVVSFIAGLTAPPGRRMGHAGAIIAGGKGGAKEKISALQSAGVVVSMSPAQLGTTIYKEFEKRKMLENLYFQGHHHHHHH
H
;
A
2 'polypeptide(L)'
;MNLQEYQSKKLMSDNGVRVQRFFVADTANEALEAAKRLNAKEIVLKAQILAGGRGKGVFNSGLKGGVHLTKDPNVVGQLA
KQMIGYNLATKQTPKEGVKVNKVMVAEALDISRETYLAILMDRSCNGPVLVGSPQGGVDIEEVAASNPELIFKEQIDIFE
GIKDSQAQRMAENLGFVGPLKSQAADQITKLYNLFLKIDATQVEVNPFGETPEGQVVCFDAKINFDDNAEFRQKDIFAMD
DKSENEPIENEAAKYDLKYIGLDGNIACFVNGAGLAMATCDIIFLNGGKPANFLDLGGGVKEAQVYQAFKLLTADPKVEA
ILVNIFGGIVNCAIIANGITKACRELELKVPLVVRLEGTNVQEAQKILNNSGLPITSAIDLEDAAKKAVASVAKK
;
B
#
loop_
_chem_comp.id
_chem_comp.type
_chem_comp.name
_chem_comp.formula
COA non-polymer 'COENZYME A' 'C21 H36 N7 O16 P3 S'
PO4 non-polymer 'PHOSPHATE ION' 'O4 P -3'
#
# COMPACT_ATOMS: atom_id res chain seq x y z
N SER A 2 19.55 20.04 8.01
CA SER A 2 18.30 19.27 7.99
C SER A 2 18.54 17.77 8.14
N TYR A 3 17.43 17.03 8.18
CA TYR A 3 17.48 15.58 8.32
C TYR A 3 18.28 14.90 7.22
N THR A 4 18.44 15.54 6.06
CA THR A 4 19.22 14.94 4.98
C THR A 4 20.65 14.70 5.40
N ALA A 5 21.16 15.46 6.36
CA ALA A 5 22.52 15.22 6.85
C ALA A 5 22.71 13.78 7.28
N SER A 6 21.68 13.14 7.83
CA SER A 6 21.86 11.78 8.32
C SER A 6 21.89 10.73 7.21
N ARG A 7 21.94 11.10 5.92
CA ARG A 7 21.88 10.12 4.85
C ARG A 7 23.05 9.15 4.86
N GLN A 8 24.23 9.61 5.30
CA GLN A 8 25.41 8.77 5.26
C GLN A 8 25.23 7.49 6.06
N HIS A 9 24.44 7.56 7.13
CA HIS A 9 24.21 6.44 8.04
C HIS A 9 23.52 5.25 7.36
N LEU A 10 23.02 5.42 6.14
CA LEU A 10 22.51 4.28 5.38
C LEU A 10 23.62 3.30 5.06
N TYR A 11 24.83 3.82 4.85
CA TYR A 11 25.97 2.99 4.43
C TYR A 11 26.51 2.27 5.68
N VAL A 12 25.73 1.27 6.07
CA VAL A 12 26.11 0.31 7.08
C VAL A 12 27.40 -0.40 6.63
N ASP A 13 28.27 -0.75 7.58
CA ASP A 13 29.55 -1.39 7.23
C ASP A 13 30.01 -2.26 8.40
N LYS A 14 31.24 -2.75 8.30
CA LYS A 14 31.78 -3.79 9.17
C LYS A 14 32.00 -3.32 10.59
N ASN A 15 31.83 -2.03 10.86
CA ASN A 15 31.89 -1.49 12.21
C ASN A 15 30.51 -1.19 12.77
N THR A 16 29.47 -1.27 11.96
CA THR A 16 28.12 -1.17 12.49
C THR A 16 27.88 -2.19 13.58
N LYS A 17 27.42 -1.73 14.72
CA LYS A 17 27.06 -2.56 15.86
C LYS A 17 25.57 -2.40 16.08
N ILE A 18 24.88 -3.51 16.24
CA ILE A 18 23.42 -3.51 16.09
C ILE A 18 22.79 -3.99 17.39
N ILE A 19 21.70 -3.33 17.78
CA ILE A 19 20.78 -3.86 18.77
C ILE A 19 19.43 -4.10 18.09
N CYS A 20 18.62 -4.96 18.71
CA CYS A 20 17.37 -5.44 18.14
C CYS A 20 16.27 -5.02 19.09
N GLN A 21 15.30 -4.24 18.59
CA GLN A 21 14.13 -3.87 19.39
C GLN A 21 13.02 -4.89 19.12
N GLY A 22 12.51 -5.51 20.19
CA GLY A 22 11.69 -6.70 20.05
C GLY A 22 12.53 -7.96 20.05
N PHE A 23 13.70 -7.90 20.71
CA PHE A 23 14.72 -8.94 20.63
C PHE A 23 14.20 -10.33 21.04
N THR A 24 13.42 -10.41 22.12
CA THR A 24 12.95 -11.71 22.57
C THR A 24 11.72 -12.21 21.83
N GLY A 25 11.24 -11.49 20.84
CA GLY A 25 10.06 -11.92 20.13
C GLY A 25 10.38 -12.92 19.05
N LYS A 26 9.31 -13.51 18.47
CA LYS A 26 9.47 -14.50 17.41
C LYS A 26 10.42 -14.02 16.32
N GLN A 27 10.16 -12.84 15.77
CA GLN A 27 10.93 -12.42 14.60
C GLN A 27 12.23 -11.75 15.00
N GLY A 28 12.24 -11.00 16.10
CA GLY A 28 13.49 -10.49 16.62
C GLY A 28 14.50 -11.60 16.88
N THR A 29 14.06 -12.65 17.59
CA THR A 29 14.90 -13.81 17.86
C THR A 29 15.43 -14.40 16.56
N PHE A 30 14.51 -14.78 15.68
CA PHE A 30 14.90 -15.52 14.48
C PHE A 30 15.92 -14.73 13.65
N HIS A 31 15.58 -13.52 13.28
CA HIS A 31 16.47 -12.77 12.41
C HIS A 31 17.72 -12.30 13.15
N SER A 32 17.70 -12.31 14.49
CA SER A 32 18.95 -12.12 15.23
C SER A 32 19.87 -13.33 15.08
N GLN A 33 19.33 -14.55 15.17
CA GLN A 33 20.16 -15.73 14.95
C GLN A 33 20.84 -15.67 13.59
N GLN A 34 20.10 -15.27 12.56
CA GLN A 34 20.67 -15.14 11.23
C GLN A 34 21.67 -13.99 11.14
N ALA A 35 21.41 -12.89 11.84
CA ALA A 35 22.43 -11.84 11.88
C ALA A 35 23.73 -12.39 12.46
N LEU A 36 23.63 -13.25 13.49
CA LEU A 36 24.83 -13.86 14.07
C LEU A 36 25.41 -14.93 13.16
N GLU A 37 24.56 -15.68 12.46
CA GLU A 37 25.09 -16.60 11.47
C GLU A 37 25.88 -15.85 10.39
N TYR A 38 25.37 -14.69 9.99
CA TYR A 38 25.98 -13.89 8.93
C TYR A 38 27.26 -13.20 9.36
N GLY A 39 27.50 -13.09 10.66
CA GLY A 39 28.67 -12.38 11.16
C GLY A 39 28.45 -10.93 11.48
N THR A 40 27.21 -10.49 11.53
CA THR A 40 26.89 -9.10 11.83
C THR A 40 27.04 -8.85 13.33
N LYS A 41 27.53 -7.67 13.68
CA LYS A 41 27.84 -7.32 15.06
C LYS A 41 26.57 -6.98 15.83
N LEU A 42 25.70 -7.98 15.95
CA LEU A 42 24.59 -7.87 16.88
C LEU A 42 25.12 -7.97 18.31
N VAL A 43 24.74 -7.03 19.17
CA VAL A 43 25.38 -6.91 20.47
C VAL A 43 24.39 -6.89 21.63
N GLY A 44 23.10 -6.89 21.37
CA GLY A 44 22.13 -6.81 22.44
C GLY A 44 20.79 -6.40 21.88
N GLY A 45 19.85 -6.21 22.80
CA GLY A 45 18.49 -5.91 22.38
C GLY A 45 17.65 -5.37 23.52
N THR A 46 16.49 -4.85 23.14
CA THR A 46 15.51 -4.29 24.07
C THR A 46 14.22 -5.11 24.03
N THR A 47 13.60 -5.21 25.20
CA THR A 47 12.24 -5.67 25.41
C THR A 47 11.85 -4.99 26.71
N PRO A 48 10.82 -4.15 26.72
CA PRO A 48 10.34 -3.61 27.99
C PRO A 48 10.02 -4.72 28.97
N GLY A 49 10.56 -4.59 30.19
CA GLY A 49 10.31 -5.52 31.26
C GLY A 49 11.21 -6.74 31.30
N LYS A 50 12.18 -6.85 30.39
CA LYS A 50 13.08 -7.99 30.38
C LYS A 50 14.54 -7.55 30.43
N GLY A 51 14.81 -6.29 30.73
CA GLY A 51 16.17 -5.85 30.93
C GLY A 51 16.84 -6.63 32.04
N GLY A 52 17.91 -7.31 31.70
CA GLY A 52 18.58 -8.17 32.64
C GLY A 52 18.75 -9.55 32.08
N GLN A 53 17.82 -9.97 31.21
CA GLN A 53 17.86 -11.35 30.73
C GLN A 53 19.02 -11.54 29.77
N THR A 54 19.27 -12.80 29.41
CA THR A 54 20.28 -13.11 28.42
C THR A 54 19.63 -13.93 27.31
N HIS A 55 19.97 -13.60 26.07
CA HIS A 55 19.28 -14.07 24.89
C HIS A 55 20.33 -14.19 23.79
N LEU A 56 20.50 -15.38 23.23
CA LEU A 56 21.52 -15.62 22.20
C LEU A 56 22.91 -15.17 22.68
N GLY A 57 23.20 -15.46 23.94
CA GLY A 57 24.47 -15.06 24.52
C GLY A 57 24.68 -13.57 24.64
N LEU A 58 23.61 -12.79 24.52
CA LEU A 58 23.72 -11.34 24.48
C LEU A 58 22.77 -10.70 25.48
N PRO A 59 23.13 -9.50 25.97
CA PRO A 59 22.31 -8.85 27.00
C PRO A 59 21.01 -8.29 26.42
N VAL A 60 19.95 -8.35 27.24
CA VAL A 60 18.66 -7.72 26.95
C VAL A 60 18.52 -6.52 27.87
N PHE A 61 18.09 -5.38 27.31
CA PHE A 61 17.92 -4.17 28.09
C PHE A 61 16.45 -3.74 28.11
N ASN A 62 16.13 -2.86 29.06
CA ASN A 62 14.78 -2.31 29.11
C ASN A 62 14.59 -1.18 28.10
N THR A 63 15.61 -0.33 27.89
CA THR A 63 15.49 0.86 27.08
C THR A 63 16.61 0.94 26.06
N VAL A 64 16.36 1.64 24.95
CA VAL A 64 17.42 1.85 23.97
C VAL A 64 18.57 2.62 24.60
N LYS A 65 18.25 3.59 25.48
CA LYS A 65 19.28 4.43 26.08
C LYS A 65 20.31 3.60 26.81
N GLU A 66 19.86 2.62 27.62
CA GLU A 66 20.80 1.73 28.31
C GLU A 66 21.60 0.93 27.30
N ALA A 67 20.90 0.28 26.36
CA ALA A 67 21.56 -0.54 25.36
C ALA A 67 22.66 0.23 24.64
N LYS A 68 22.35 1.46 24.21
CA LYS A 68 23.36 2.28 23.55
C LYS A 68 24.54 2.54 24.48
N GLU A 69 24.28 2.90 25.73
CA GLU A 69 25.35 3.19 26.66
C GLU A 69 26.21 1.95 26.93
N GLN A 70 25.56 0.79 27.17
CA GLN A 70 26.31 -0.39 27.55
C GLN A 70 27.08 -1.03 26.40
N THR A 71 26.64 -0.85 25.14
CA THR A 71 27.25 -1.57 24.02
C THR A 71 27.92 -0.70 22.96
N GLY A 72 27.73 0.62 22.97
CA GLY A 72 28.26 1.41 21.87
C GLY A 72 27.56 1.17 20.55
N ALA A 73 26.32 0.66 20.58
CA ALA A 73 25.56 0.38 19.37
C ALA A 73 25.40 1.64 18.52
N THR A 74 25.45 1.46 17.21
CA THR A 74 25.32 2.57 16.27
C THR A 74 24.13 2.41 15.33
N ALA A 75 23.31 1.37 15.54
CA ALA A 75 22.20 1.08 14.65
C ALA A 75 21.23 0.16 15.37
N SER A 76 19.94 0.31 15.05
CA SER A 76 18.85 -0.39 15.71
C SER A 76 17.89 -0.96 14.68
N VAL A 77 17.38 -2.17 14.93
CA VAL A 77 16.41 -2.81 14.06
C VAL A 77 15.19 -3.18 14.90
N ILE A 78 14.01 -2.89 14.38
CA ILE A 78 12.78 -2.94 15.16
C ILE A 78 11.93 -4.10 14.66
N TYR A 79 11.63 -5.06 15.55
CA TYR A 79 10.64 -6.09 15.26
C TYR A 79 9.51 -6.01 16.26
N VAL A 80 9.01 -4.79 16.51
CA VAL A 80 8.00 -4.50 17.52
C VAL A 80 6.62 -4.41 16.89
N PRO A 81 5.57 -4.97 17.51
CA PRO A 81 4.27 -5.13 16.82
C PRO A 81 3.61 -3.79 16.53
N PRO A 82 2.70 -3.74 15.57
CA PRO A 82 2.23 -2.44 15.02
C PRO A 82 1.73 -1.46 16.08
N PRO A 83 0.99 -1.89 17.10
CA PRO A 83 0.46 -0.90 18.07
C PRO A 83 1.53 -0.11 18.79
N PHE A 84 2.74 -0.67 18.91
CA PHE A 84 3.83 -0.04 19.68
C PHE A 84 5.03 0.35 18.86
N ALA A 85 5.10 -0.05 17.59
CA ALA A 85 6.33 0.10 16.82
C ALA A 85 6.73 1.58 16.65
N ALA A 86 5.75 2.47 16.44
CA ALA A 86 6.05 3.89 16.28
C ALA A 86 6.66 4.49 17.55
N ALA A 87 6.18 4.04 18.71
CA ALA A 87 6.82 4.43 19.96
C ALA A 87 8.28 3.96 20.02
N ALA A 88 8.54 2.73 19.56
CA ALA A 88 9.92 2.26 19.50
C ALA A 88 10.79 3.14 18.60
N ILE A 89 10.26 3.53 17.43
CA ILE A 89 11.04 4.38 16.54
C ILE A 89 11.41 5.67 17.27
N ASN A 90 10.43 6.29 17.93
CA ASN A 90 10.68 7.51 18.69
C ASN A 90 11.76 7.31 19.74
N GLU A 91 11.66 6.22 20.53
CA GLU A 91 12.65 6.00 21.57
C GLU A 91 14.06 5.99 20.99
N ALA A 92 14.22 5.44 19.79
CA ALA A 92 15.52 5.35 19.14
C ALA A 92 15.97 6.68 18.54
N ILE A 93 15.03 7.51 18.04
CA ILE A 93 15.41 8.86 17.64
C ILE A 93 15.87 9.64 18.85
N GLU A 94 15.07 9.60 19.93
CA GLU A 94 15.46 10.25 21.19
C GLU A 94 16.78 9.73 21.69
N ALA A 95 17.00 8.42 21.65
CA ALA A 95 18.28 7.87 22.05
C ALA A 95 19.40 8.27 21.10
N GLU A 96 19.08 8.95 20.01
CA GLU A 96 20.07 9.47 19.06
C GLU A 96 20.85 8.33 18.40
N ILE A 97 20.16 7.23 18.12
CA ILE A 97 20.82 6.14 17.39
C ILE A 97 21.03 6.55 15.94
N PRO A 98 22.25 6.44 15.40
CA PRO A 98 22.50 6.88 14.01
C PRO A 98 21.62 6.23 12.93
N LEU A 99 21.35 4.94 13.01
CA LEU A 99 20.63 4.27 11.93
C LEU A 99 19.58 3.35 12.54
N VAL A 100 18.31 3.53 12.14
CA VAL A 100 17.19 2.76 12.69
C VAL A 100 16.44 2.13 11.52
N VAL A 101 16.31 0.80 11.56
CA VAL A 101 15.63 0.00 10.54
C VAL A 101 14.37 -0.59 11.18
N CYS A 102 13.19 -0.24 10.66
CA CYS A 102 11.92 -0.70 11.22
C CYS A 102 11.28 -1.72 10.28
N ILE A 103 11.34 -3.00 10.63
CA ILE A 103 10.80 -4.02 9.72
C ILE A 103 9.27 -4.02 9.77
N THR A 104 8.67 -3.46 10.83
CA THR A 104 7.26 -3.68 11.13
C THR A 104 6.34 -3.17 10.03
N GLU A 105 5.44 -4.05 9.62
CA GLU A 105 4.29 -3.74 8.77
C GLU A 105 3.04 -3.50 9.61
N GLY A 106 2.22 -2.54 9.19
CA GLY A 106 0.95 -2.25 9.87
C GLY A 106 0.92 -1.04 10.80
N ILE A 107 1.99 -0.26 10.88
CA ILE A 107 1.93 0.92 11.77
C ILE A 107 0.95 1.94 11.22
N PRO A 108 0.02 2.44 12.02
CA PRO A 108 -0.97 3.39 11.51
C PRO A 108 -0.30 4.56 10.80
N GLN A 109 -0.93 5.05 9.72
CA GLN A 109 -0.29 6.10 8.97
C GLN A 109 -0.16 7.36 9.82
N GLN A 110 -1.16 7.59 10.67
CA GLN A 110 -1.14 8.76 11.52
C GLN A 110 -0.02 8.69 12.55
N ASP A 111 0.24 7.49 13.07
CA ASP A 111 1.43 7.27 13.90
C ASP A 111 2.67 7.74 13.13
N MET A 112 2.85 7.21 11.92
CA MET A 112 4.06 7.54 11.15
C MET A 112 4.13 9.01 10.78
N VAL A 113 2.99 9.70 10.68
CA VAL A 113 3.07 11.14 10.48
C VAL A 113 3.68 11.80 11.72
N ARG A 114 3.24 11.38 12.91
CA ARG A 114 3.83 11.86 14.15
C ARG A 114 5.32 11.50 14.23
N VAL A 115 5.66 10.23 13.96
CA VAL A 115 7.06 9.81 13.93
C VAL A 115 7.85 10.64 12.93
N LYS A 116 7.30 10.82 11.73
CA LYS A 116 8.00 11.63 10.73
C LYS A 116 8.18 13.08 11.20
N HIS A 117 7.19 13.65 11.87
CA HIS A 117 7.27 15.01 12.41
C HIS A 117 8.53 15.21 13.26
N LYS A 118 8.71 14.38 14.29
CA LYS A 118 9.92 14.44 15.10
C LYS A 118 11.15 13.98 14.30
N LEU A 119 10.98 13.02 13.39
CA LEU A 119 12.13 12.54 12.62
C LEU A 119 12.74 13.66 11.79
N LEU A 120 11.91 14.40 11.08
CA LEU A 120 12.39 15.47 10.20
C LEU A 120 12.96 16.66 10.94
N ARG A 121 12.74 16.77 12.25
CA ARG A 121 13.19 17.90 13.03
C ARG A 121 14.52 17.65 13.73
N GLN A 122 15.24 16.60 13.34
CA GLN A 122 16.57 16.33 13.90
C GLN A 122 17.42 15.75 12.78
N GLU A 123 18.69 15.43 13.10
CA GLU A 123 19.59 14.86 12.11
C GLU A 123 20.55 13.79 12.62
N LYS A 124 20.44 13.39 13.88
CA LYS A 124 21.29 12.34 14.39
C LYS A 124 20.84 10.96 13.91
N THR A 125 19.53 10.77 13.73
CA THR A 125 18.98 9.46 13.45
C THR A 125 18.46 9.40 12.01
N ARG A 126 18.86 8.33 11.29
CA ARG A 126 18.34 8.00 9.96
C ARG A 126 17.44 6.77 10.09
N LEU A 127 16.19 6.91 9.64
CA LEU A 127 15.18 5.86 9.67
C LEU A 127 15.02 5.25 8.29
N ILE A 128 15.11 3.93 8.20
CA ILE A 128 14.69 3.19 7.01
C ILE A 128 13.44 2.41 7.39
N GLY A 129 12.38 2.49 6.57
CA GLY A 129 11.10 1.86 6.87
C GLY A 129 10.08 2.84 7.43
N PRO A 130 8.96 2.32 7.97
CA PRO A 130 8.68 0.90 8.23
C PRO A 130 8.24 0.07 7.02
N ASN A 131 7.82 -1.16 7.30
CA ASN A 131 7.34 -2.08 6.27
C ASN A 131 8.41 -2.33 5.21
N CYS A 132 9.63 -2.63 5.64
CA CYS A 132 10.76 -2.84 4.75
C CYS A 132 11.56 -4.02 5.26
N PRO A 133 12.41 -4.61 4.41
CA PRO A 133 13.31 -5.68 4.87
C PRO A 133 14.71 -5.22 5.29
N GLY A 134 14.98 -3.93 5.32
CA GLY A 134 16.23 -3.45 5.87
C GLY A 134 17.28 -3.15 4.81
N VAL A 135 18.53 -3.16 5.27
CA VAL A 135 19.66 -2.78 4.45
C VAL A 135 20.78 -3.80 4.64
N ILE A 136 21.52 -4.07 3.56
CA ILE A 136 22.61 -5.02 3.64
C ILE A 136 23.78 -4.51 2.81
N ASN A 137 24.94 -4.45 3.46
CA ASN A 137 26.24 -4.35 2.83
C ASN A 137 26.77 -5.77 2.74
N PRO A 138 26.69 -6.41 1.58
CA PRO A 138 27.08 -7.83 1.48
C PRO A 138 28.42 -8.12 2.14
N GLY A 139 28.42 -9.13 3.01
CA GLY A 139 29.63 -9.58 3.63
C GLY A 139 30.10 -8.74 4.79
N GLU A 140 29.59 -7.53 4.96
CA GLU A 140 30.03 -6.62 6.02
C GLU A 140 28.98 -6.40 7.10
N CYS A 141 27.72 -6.19 6.72
CA CYS A 141 26.71 -5.87 7.73
C CYS A 141 25.32 -6.04 7.15
N LYS A 142 24.43 -6.68 7.89
CA LYS A 142 23.10 -7.01 7.40
C LYS A 142 22.09 -6.68 8.49
N ILE A 143 21.21 -5.74 8.23
CA ILE A 143 20.18 -5.36 9.19
C ILE A 143 18.83 -5.64 8.55
N GLY A 144 18.20 -6.74 8.91
CA GLY A 144 16.86 -6.99 8.42
C GLY A 144 16.70 -8.47 8.07
N ILE A 145 15.77 -8.74 7.16
CA ILE A 145 15.28 -10.10 6.96
C ILE A 145 15.73 -10.68 5.62
N MET A 146 16.63 -10.02 4.91
CA MET A 146 17.01 -10.53 3.61
C MET A 146 17.92 -11.74 3.78
N PRO A 147 17.79 -12.76 2.92
CA PRO A 147 18.68 -13.92 3.00
C PRO A 147 20.09 -13.51 2.59
N GLY A 148 21.06 -13.75 3.46
CA GLY A 148 22.42 -13.36 3.13
C GLY A 148 22.93 -14.06 1.89
N HIS A 149 22.64 -15.36 1.75
CA HIS A 149 23.41 -16.21 0.85
C HIS A 149 23.19 -15.90 -0.62
N ILE A 150 22.12 -15.19 -0.98
CA ILE A 150 21.94 -14.81 -2.40
C ILE A 150 22.81 -13.63 -2.82
N HIS A 151 23.39 -12.90 -1.86
CA HIS A 151 24.14 -11.68 -2.13
C HIS A 151 25.60 -12.00 -2.46
N LYS A 152 26.30 -10.99 -2.97
CA LYS A 152 27.71 -11.09 -3.30
C LYS A 152 28.30 -9.70 -3.48
N LYS A 153 29.34 -9.36 -2.71
CA LYS A 153 29.84 -7.99 -2.68
C LYS A 153 30.30 -7.58 -4.09
N GLY A 154 29.88 -6.41 -4.51
CA GLY A 154 30.07 -6.03 -5.90
C GLY A 154 29.76 -4.57 -6.21
N ARG A 155 29.14 -4.32 -7.35
CA ARG A 155 29.15 -2.99 -7.96
C ARG A 155 27.79 -2.35 -8.18
N ILE A 156 26.68 -3.05 -7.92
CA ILE A 156 25.35 -2.50 -8.19
C ILE A 156 24.69 -2.06 -6.89
N GLY A 157 24.26 -0.80 -6.85
CA GLY A 157 23.43 -0.32 -5.76
C GLY A 157 21.97 -0.60 -6.06
N ILE A 158 21.26 -1.14 -5.07
CA ILE A 158 19.86 -1.47 -5.24
C ILE A 158 19.08 -0.74 -4.17
N VAL A 159 18.11 0.08 -4.59
CA VAL A 159 17.13 0.70 -3.70
C VAL A 159 15.75 0.31 -4.21
N SER A 160 14.82 0.02 -3.29
CA SER A 160 13.62 -0.68 -3.71
C SER A 160 12.49 -0.59 -2.69
N ARG A 161 11.27 -0.39 -3.18
CA ARG A 161 10.11 -0.41 -2.29
C ARG A 161 9.63 -1.81 -2.00
N SER A 162 10.22 -2.82 -2.63
CA SER A 162 9.74 -4.19 -2.57
C SER A 162 10.79 -5.08 -1.90
N GLY A 163 10.32 -5.95 -1.01
CA GLY A 163 11.23 -6.93 -0.43
C GLY A 163 11.57 -8.06 -1.38
N THR A 164 10.58 -8.89 -1.72
CA THR A 164 10.86 -10.04 -2.57
C THR A 164 11.37 -9.64 -3.95
N LEU A 165 10.97 -8.47 -4.47
CA LEU A 165 11.54 -8.04 -5.75
C LEU A 165 13.02 -7.72 -5.62
N THR A 166 13.44 -7.19 -4.48
CA THR A 166 14.87 -6.92 -4.28
C THR A 166 15.66 -8.21 -4.42
N TYR A 167 15.11 -9.31 -3.90
CA TYR A 167 15.81 -10.58 -3.97
C TYR A 167 16.05 -10.98 -5.41
N GLU A 168 15.02 -10.85 -6.27
CA GLU A 168 15.20 -11.01 -7.71
C GLU A 168 16.39 -10.18 -8.22
N ALA A 169 16.36 -8.88 -7.97
CA ALA A 169 17.47 -8.06 -8.46
C ALA A 169 18.79 -8.58 -7.95
N VAL A 170 18.86 -8.85 -6.64
CA VAL A 170 20.09 -9.36 -6.04
C VAL A 170 20.53 -10.64 -6.74
N HIS A 171 19.61 -11.59 -6.87
CA HIS A 171 19.94 -12.89 -7.46
C HIS A 171 20.40 -12.72 -8.89
N GLN A 172 19.73 -11.88 -9.67
CA GLN A 172 20.14 -11.64 -11.05
C GLN A 172 21.49 -10.95 -11.11
N THR A 173 21.69 -9.90 -10.32
CA THR A 173 22.99 -9.26 -10.38
C THR A 173 24.08 -10.15 -9.81
N THR A 174 23.74 -11.09 -8.92
CA THR A 174 24.70 -12.15 -8.58
C THR A 174 24.88 -13.13 -9.73
N GLN A 175 23.81 -13.43 -10.45
CA GLN A 175 23.89 -14.40 -11.53
C GLN A 175 24.73 -13.89 -12.69
N VAL A 176 24.62 -12.59 -13.01
CA VAL A 176 25.41 -12.07 -14.14
C VAL A 176 26.82 -11.72 -13.70
N GLY A 177 27.14 -11.83 -12.41
CA GLY A 177 28.49 -11.59 -11.93
C GLY A 177 28.81 -10.18 -11.48
N LEU A 178 27.82 -9.28 -11.43
CA LEU A 178 28.11 -7.88 -11.10
C LEU A 178 28.18 -7.63 -9.59
N GLY A 179 27.46 -8.41 -8.79
CA GLY A 179 27.45 -8.17 -7.36
C GLY A 179 26.81 -6.86 -6.93
N GLN A 180 26.58 -6.71 -5.62
CA GLN A 180 25.85 -5.59 -5.04
C GLN A 180 26.78 -4.83 -4.11
N SER A 181 26.77 -3.52 -4.22
CA SER A 181 27.56 -2.69 -3.31
C SER A 181 26.81 -2.41 -2.00
N LEU A 182 25.54 -2.06 -2.08
CA LEU A 182 24.73 -1.79 -0.90
C LEU A 182 23.28 -1.87 -1.34
N CYS A 183 22.48 -2.70 -0.66
CA CYS A 183 21.05 -2.77 -0.93
C CYS A 183 20.29 -2.13 0.19
N VAL A 184 19.26 -1.37 -0.16
CA VAL A 184 18.44 -0.67 0.80
C VAL A 184 16.99 -0.90 0.40
N GLY A 185 16.23 -1.56 1.26
CA GLY A 185 14.82 -1.70 1.02
C GLY A 185 14.13 -0.61 1.81
N ILE A 186 13.49 0.32 1.11
CA ILE A 186 12.78 1.39 1.77
C ILE A 186 11.35 1.00 2.11
N GLY A 187 10.91 -0.16 1.67
CA GLY A 187 9.63 -0.63 2.13
C GLY A 187 8.43 0.02 1.46
N GLY A 188 7.26 -0.46 1.87
CA GLY A 188 6.07 -0.29 1.06
C GLY A 188 5.00 0.52 1.74
N ASP A 189 5.38 1.34 2.73
CA ASP A 189 4.48 2.27 3.41
C ASP A 189 4.54 3.65 2.77
N PRO A 190 3.49 4.45 2.92
CA PRO A 190 3.45 5.74 2.25
C PRO A 190 4.16 6.83 3.05
N PHE A 191 4.37 6.61 4.34
CA PHE A 191 5.09 7.56 5.18
C PHE A 191 6.26 6.80 5.81
N ASN A 192 7.49 7.15 5.42
CA ASN A 192 8.65 6.41 5.86
C ASN A 192 9.85 7.35 5.92
N GLY A 193 10.97 6.83 6.44
CA GLY A 193 12.08 7.70 6.74
C GLY A 193 13.14 7.85 5.67
N THR A 194 13.01 7.16 4.52
CA THR A 194 14.01 7.18 3.47
C THR A 194 13.35 6.92 2.13
N ASP A 195 13.58 7.81 1.16
CA ASP A 195 13.05 7.70 -0.20
C ASP A 195 14.13 7.21 -1.17
N PHE A 196 13.82 7.19 -2.47
CA PHE A 196 14.83 6.80 -3.46
C PHE A 196 15.96 7.82 -3.49
N ILE A 197 15.62 9.11 -3.49
CA ILE A 197 16.65 10.15 -3.56
C ILE A 197 17.70 9.93 -2.49
N ASP A 198 17.29 9.56 -1.28
CA ASP A 198 18.25 9.37 -0.20
C ASP A 198 19.30 8.34 -0.58
N CYS A 199 18.86 7.23 -1.18
CA CYS A 199 19.80 6.19 -1.56
C CYS A 199 20.63 6.59 -2.77
N LEU A 200 20.06 7.34 -3.71
CA LEU A 200 20.82 7.73 -4.90
C LEU A 200 22.01 8.63 -4.54
N GLU A 201 21.80 9.59 -3.63
CA GLU A 201 22.92 10.45 -3.29
C GLU A 201 24.08 9.64 -2.73
N ILE A 202 23.76 8.60 -1.96
CA ILE A 202 24.83 7.75 -1.44
C ILE A 202 25.45 6.94 -2.57
N PHE A 203 24.61 6.27 -3.36
CA PHE A 203 25.09 5.51 -4.50
C PHE A 203 25.97 6.39 -5.41
N LEU A 204 25.46 7.57 -5.77
CA LEU A 204 26.21 8.44 -6.68
C LEU A 204 27.57 8.84 -6.11
N ASN A 205 27.66 9.04 -4.80
CA ASN A 205 28.88 9.49 -4.16
C ASN A 205 29.81 8.34 -3.78
N ASP A 206 29.40 7.10 -3.94
CA ASP A 206 30.16 5.93 -3.54
C ASP A 206 30.88 5.33 -4.74
N SER A 207 32.17 5.06 -4.59
CA SER A 207 32.94 4.53 -5.71
C SER A 207 32.70 3.02 -5.91
N ALA A 208 32.47 2.25 -4.84
CA ALA A 208 32.11 0.84 -5.01
C ALA A 208 30.89 0.64 -5.91
N THR A 209 30.02 1.64 -6.02
CA THR A 209 28.75 1.54 -6.75
C THR A 209 28.92 2.07 -8.18
N GLU A 210 29.02 1.18 -9.16
CA GLU A 210 29.15 1.61 -10.53
C GLU A 210 27.84 1.60 -11.29
N GLY A 211 26.85 0.86 -10.82
CA GLY A 211 25.54 0.86 -11.43
C GLY A 211 24.49 0.92 -10.35
N ILE A 212 23.31 1.37 -10.74
CA ILE A 212 22.19 1.47 -9.82
C ILE A 212 21.00 0.74 -10.40
N ILE A 213 20.30 0.02 -9.56
CA ILE A 213 18.97 -0.48 -9.87
C ILE A 213 18.00 0.17 -8.89
N LEU A 214 16.94 0.77 -9.42
CA LEU A 214 15.88 1.35 -8.64
C LEU A 214 14.63 0.51 -8.90
N ILE A 215 14.14 -0.19 -7.88
CA ILE A 215 12.88 -0.93 -8.01
C ILE A 215 11.77 -0.16 -7.32
N GLY A 216 10.74 0.21 -8.08
CA GLY A 216 9.61 0.92 -7.54
C GLY A 216 8.29 0.27 -7.90
N GLU A 217 7.19 0.98 -7.70
CA GLU A 217 5.87 0.40 -7.90
C GLU A 217 4.86 1.54 -7.90
N ILE A 218 3.56 1.19 -7.95
CA ILE A 218 2.52 2.21 -7.98
C ILE A 218 2.46 2.98 -6.66
N GLY A 219 1.80 4.12 -6.70
CA GLY A 219 1.58 4.93 -5.50
C GLY A 219 2.65 5.97 -5.24
N GLY A 220 2.19 7.11 -4.70
CA GLY A 220 3.06 8.21 -4.30
C GLY A 220 3.75 8.81 -5.53
N ASN A 221 4.79 9.60 -5.25
CA ASN A 221 5.52 10.30 -6.30
C ASN A 221 7.04 10.17 -6.19
N ALA A 222 7.53 9.22 -5.39
CA ALA A 222 8.96 9.19 -5.08
C ALA A 222 9.79 8.79 -6.29
N GLU A 223 9.25 7.93 -7.16
CA GLU A 223 9.90 7.62 -8.42
C GLU A 223 10.05 8.88 -9.28
N GLU A 224 8.99 9.68 -9.36
CA GLU A 224 9.02 10.90 -10.15
C GLU A 224 10.03 11.90 -9.59
N ASN A 225 10.05 12.08 -8.27
CA ASN A 225 11.06 12.93 -7.65
C ASN A 225 12.46 12.43 -7.94
N ALA A 226 12.66 11.10 -7.85
CA ALA A 226 13.98 10.55 -8.12
C ALA A 226 14.38 10.77 -9.57
N ALA A 227 13.42 10.77 -10.48
CA ALA A 227 13.72 11.07 -11.87
C ALA A 227 14.28 12.47 -12.01
N GLU A 228 13.64 13.46 -11.39
CA GLU A 228 14.18 14.82 -11.41
C GLU A 228 15.58 14.87 -10.84
N PHE A 229 15.79 14.22 -9.70
CA PHE A 229 17.09 14.26 -9.02
C PHE A 229 18.19 13.73 -9.92
N LEU A 230 17.91 12.63 -10.62
CA LEU A 230 18.90 12.08 -11.52
C LEU A 230 19.25 13.08 -12.62
N LYS A 231 18.26 13.83 -13.11
CA LYS A 231 18.51 14.84 -14.14
C LYS A 231 19.52 15.88 -13.68
N GLN A 232 19.57 16.19 -12.38
CA GLN A 232 20.51 17.19 -11.87
C GLN A 232 21.84 16.58 -11.45
N HIS A 233 21.86 15.31 -11.07
CA HIS A 233 23.06 14.78 -10.45
C HIS A 233 23.67 13.59 -11.17
N ASN A 234 23.04 13.08 -12.21
CA ASN A 234 23.64 11.95 -12.90
C ASN A 234 23.60 12.19 -14.40
N SER A 235 23.74 13.44 -14.79
CA SER A 235 23.96 13.76 -16.18
C SER A 235 25.43 14.11 -16.37
N GLY A 236 25.78 14.57 -17.56
CA GLY A 236 27.17 14.81 -17.87
C GLY A 236 27.93 13.50 -17.96
N PRO A 237 29.24 13.57 -18.18
CA PRO A 237 30.04 12.35 -18.28
C PRO A 237 30.27 11.76 -16.90
N ASN A 238 30.86 10.55 -16.88
CA ASN A 238 31.09 9.80 -15.65
C ASN A 238 29.79 9.63 -14.85
N SER A 239 28.66 9.53 -15.56
CA SER A 239 27.37 9.27 -14.95
C SER A 239 27.19 7.76 -14.77
N LYS A 240 26.37 7.40 -13.80
CA LYS A 240 26.31 5.95 -13.61
C LYS A 240 25.05 5.36 -14.22
N PRO A 241 25.12 4.20 -14.85
CA PRO A 241 23.91 3.61 -15.43
C PRO A 241 22.87 3.30 -14.35
N VAL A 242 21.61 3.58 -14.68
CA VAL A 242 20.50 3.37 -13.76
C VAL A 242 19.46 2.54 -14.51
N VAL A 243 19.24 1.33 -14.04
CA VAL A 243 18.20 0.47 -14.59
C VAL A 243 17.10 0.44 -13.57
N SER A 244 15.85 0.48 -14.01
CA SER A 244 14.76 0.46 -13.05
C SER A 244 13.67 -0.47 -13.52
N PHE A 245 12.87 -0.93 -12.57
CA PHE A 245 11.64 -1.67 -12.84
C PHE A 245 10.55 -1.12 -11.93
N ILE A 246 9.39 -0.85 -12.50
CA ILE A 246 8.29 -0.21 -11.79
C ILE A 246 7.13 -1.17 -11.83
N ALA A 247 6.70 -1.66 -10.68
CA ALA A 247 5.73 -2.74 -10.66
C ALA A 247 4.29 -2.24 -10.57
N GLY A 248 3.37 -3.07 -11.03
CA GLY A 248 1.95 -2.77 -10.95
C GLY A 248 1.35 -2.22 -12.21
N LEU A 249 1.88 -2.58 -13.37
CA LEU A 249 1.34 -2.07 -14.62
C LEU A 249 -0.05 -2.63 -14.91
N THR A 250 -0.37 -3.80 -14.38
CA THR A 250 -1.70 -4.36 -14.54
C THR A 250 -2.59 -4.10 -13.33
N ALA A 251 -2.19 -3.17 -12.42
CA ALA A 251 -2.96 -3.04 -11.19
C ALA A 251 -4.24 -2.24 -11.43
N PRO A 252 -5.36 -2.66 -10.86
CA PRO A 252 -6.60 -1.91 -11.03
C PRO A 252 -6.59 -0.70 -10.12
N PRO A 253 -7.24 0.39 -10.55
CA PRO A 253 -7.27 1.59 -9.73
C PRO A 253 -8.19 1.44 -8.52
N GLY A 254 -7.83 2.16 -7.46
CA GLY A 254 -8.62 2.20 -6.24
C GLY A 254 -8.33 1.10 -5.23
N ARG A 255 -7.33 0.25 -5.49
CA ARG A 255 -7.12 -0.95 -4.69
C ARG A 255 -5.73 -0.94 -4.08
N ARG A 256 -5.65 -1.32 -2.81
CA ARG A 256 -4.36 -1.52 -2.17
C ARG A 256 -3.79 -2.87 -2.62
N MET A 257 -2.68 -2.83 -3.34
CA MET A 257 -2.08 -4.05 -3.92
C MET A 257 -1.06 -4.66 -2.95
N GLY A 258 -1.56 -5.08 -1.79
CA GLY A 258 -0.72 -5.66 -0.76
C GLY A 258 -0.04 -4.64 0.14
N HIS A 259 1.00 -3.98 -0.38
CA HIS A 259 1.62 -2.88 0.35
C HIS A 259 0.59 -1.80 0.61
N ALA A 260 0.55 -1.32 1.86
CA ALA A 260 -0.30 -0.17 2.16
C ALA A 260 -0.02 1.02 1.25
N GLY A 261 1.20 1.15 0.74
CA GLY A 261 1.56 2.31 -0.05
C GLY A 261 1.35 2.15 -1.54
N ALA A 262 0.89 0.98 -1.97
CA ALA A 262 0.83 0.62 -3.39
C ALA A 262 -0.61 0.72 -3.86
N ILE A 263 -1.02 1.94 -4.24
CA ILE A 263 -2.40 2.19 -4.67
C ILE A 263 -2.48 3.46 -5.52
N ILE A 264 -3.18 3.36 -6.63
CA ILE A 264 -3.47 4.49 -7.51
C ILE A 264 -4.81 5.11 -7.12
N ALA A 265 -4.83 6.42 -6.95
CA ALA A 265 -6.06 7.07 -6.49
C ALA A 265 -6.16 8.45 -7.10
N GLY A 266 -7.34 8.78 -7.60
CA GLY A 266 -7.52 10.05 -8.29
C GLY A 266 -6.57 10.22 -9.45
N GLY A 267 -6.26 9.14 -10.17
CA GLY A 267 -5.38 9.19 -11.31
C GLY A 267 -3.90 9.37 -11.01
N LYS A 268 -3.53 9.72 -9.77
CA LYS A 268 -2.13 9.81 -9.40
C LYS A 268 -1.62 8.45 -8.94
N GLY A 269 -0.37 8.15 -9.28
CA GLY A 269 0.36 7.00 -8.75
C GLY A 269 0.46 5.79 -9.67
N GLY A 270 0.14 5.93 -10.95
CA GLY A 270 0.22 4.81 -11.86
C GLY A 270 1.63 4.50 -12.28
N ALA A 271 1.83 3.25 -12.68
CA ALA A 271 3.15 2.77 -13.06
C ALA A 271 3.69 3.46 -14.31
N LYS A 272 2.83 3.72 -15.32
CA LYS A 272 3.36 4.20 -16.60
C LYS A 272 3.87 5.63 -16.49
N GLU A 273 3.19 6.48 -15.69
CA GLU A 273 3.73 7.80 -15.39
C GLU A 273 5.12 7.69 -14.81
N LYS A 274 5.39 6.59 -14.07
CA LYS A 274 6.69 6.46 -13.42
C LYS A 274 7.77 6.07 -14.41
N ILE A 275 7.38 5.32 -15.43
CA ILE A 275 8.32 4.87 -16.45
C ILE A 275 8.75 6.01 -17.34
N SER A 276 7.78 6.76 -17.89
CA SER A 276 8.07 7.98 -18.65
C SER A 276 9.00 8.90 -17.89
N ALA A 277 8.65 9.19 -16.63
CA ALA A 277 9.46 10.14 -15.88
C ALA A 277 10.86 9.58 -15.65
N LEU A 278 10.95 8.29 -15.33
CA LEU A 278 12.27 7.69 -15.21
C LEU A 278 13.01 7.72 -16.54
N GLN A 279 12.38 7.22 -17.61
CA GLN A 279 13.06 7.20 -18.91
C GLN A 279 13.48 8.59 -19.38
N SER A 280 12.81 9.66 -18.93
CA SER A 280 13.20 10.98 -19.38
C SER A 280 14.45 11.51 -18.68
N ALA A 281 14.90 10.86 -17.61
CA ALA A 281 16.12 11.21 -16.92
C ALA A 281 17.32 10.39 -17.34
N GLY A 282 17.14 9.48 -18.31
CA GLY A 282 18.19 8.59 -18.75
C GLY A 282 18.10 7.19 -18.19
N VAL A 283 17.05 6.88 -17.45
CA VAL A 283 16.92 5.58 -16.80
C VAL A 283 16.42 4.55 -17.81
N VAL A 284 17.11 3.42 -17.85
CA VAL A 284 16.71 2.29 -18.68
C VAL A 284 15.72 1.47 -17.87
N VAL A 285 14.47 1.42 -18.32
CA VAL A 285 13.45 0.60 -17.67
C VAL A 285 13.51 -0.80 -18.27
N SER A 286 13.73 -1.79 -17.43
CA SER A 286 13.57 -3.17 -17.86
C SER A 286 12.08 -3.51 -17.92
N MET A 287 11.60 -3.90 -19.10
CA MET A 287 10.19 -4.27 -19.20
C MET A 287 9.85 -5.38 -18.22
N SER A 288 10.70 -6.41 -18.15
CA SER A 288 10.48 -7.66 -17.43
C SER A 288 11.19 -7.65 -16.09
N PRO A 289 10.52 -8.05 -15.01
CA PRO A 289 11.18 -8.10 -13.70
C PRO A 289 12.30 -9.11 -13.65
N ALA A 290 12.27 -10.13 -14.52
CA ALA A 290 13.30 -11.16 -14.60
C ALA A 290 14.56 -10.69 -15.29
N GLN A 291 14.62 -9.44 -15.77
CA GLN A 291 15.73 -9.00 -16.60
C GLN A 291 16.51 -7.85 -16.00
N LEU A 292 16.33 -7.54 -14.71
CA LEU A 292 17.10 -6.45 -14.10
C LEU A 292 18.58 -6.70 -14.26
N GLY A 293 19.00 -7.94 -14.01
CA GLY A 293 20.42 -8.26 -14.08
C GLY A 293 20.99 -8.15 -15.47
N THR A 294 20.33 -8.76 -16.45
CA THR A 294 20.81 -8.74 -17.82
C THR A 294 20.73 -7.35 -18.43
N THR A 295 19.80 -6.52 -17.95
CA THR A 295 19.71 -5.17 -18.48
C THR A 295 20.80 -4.26 -17.92
N ILE A 296 21.05 -4.32 -16.61
CA ILE A 296 22.19 -3.56 -16.08
C ILE A 296 23.49 -4.11 -16.67
N TYR A 297 23.55 -5.43 -16.87
CA TYR A 297 24.75 -6.01 -17.47
C TYR A 297 24.97 -5.46 -18.87
N LYS A 298 23.95 -5.57 -19.73
CA LYS A 298 24.07 -5.08 -21.10
C LYS A 298 24.42 -3.59 -21.11
N GLU A 299 23.90 -2.83 -20.16
CA GLU A 299 24.22 -1.41 -20.09
C GLU A 299 25.72 -1.20 -19.97
N PHE A 300 26.39 -2.03 -19.17
CA PHE A 300 27.84 -1.93 -19.06
C PHE A 300 28.50 -2.33 -20.37
N GLU A 301 27.96 -3.36 -21.05
CA GLU A 301 28.47 -3.76 -22.36
C GLU A 301 28.39 -2.60 -23.35
N LYS A 302 27.24 -1.92 -23.40
CA LYS A 302 27.06 -0.82 -24.34
C LYS A 302 28.13 0.25 -24.15
N ARG A 303 28.52 0.52 -22.90
CA ARG A 303 29.59 1.47 -22.69
C ARG A 303 30.92 0.92 -23.17
N LYS A 304 31.15 -0.38 -23.00
CA LYS A 304 32.40 -0.96 -23.49
C LYS A 304 32.46 -0.97 -25.02
N MET A 305 31.36 -1.36 -25.69
CA MET A 305 31.29 -1.27 -27.14
C MET A 305 31.55 0.16 -27.62
N LEU A 306 31.08 1.16 -26.87
CA LEU A 306 31.33 2.55 -27.25
C LEU A 306 32.81 2.87 -27.16
N GLU A 307 33.50 2.38 -26.14
CA GLU A 307 34.92 2.67 -26.01
C GLU A 307 35.72 1.96 -27.11
N ASN A 308 35.39 0.71 -27.40
CA ASN A 308 36.07 0.01 -28.49
C ASN A 308 35.89 0.73 -29.82
N LEU A 309 34.70 1.30 -30.05
CA LEU A 309 34.43 1.91 -31.35
C LEU A 309 35.31 3.14 -31.56
N TYR A 310 35.31 4.05 -30.58
CA TYR A 310 36.05 5.30 -30.71
C TYR A 310 37.46 5.22 -30.15
N PHE A 311 37.79 4.14 -29.43
CA PHE A 311 39.08 4.01 -28.78
C PHE A 311 39.36 5.17 -27.80
N MET B 1 -11.99 -1.22 3.68
CA MET B 1 -13.40 -1.41 4.02
C MET B 1 -14.25 -0.24 3.57
N ASN B 2 -15.56 -0.48 3.46
CA ASN B 2 -16.48 0.51 2.94
C ASN B 2 -17.68 0.69 3.86
N LEU B 3 -18.08 1.94 4.03
CA LEU B 3 -19.28 2.25 4.79
C LEU B 3 -20.44 2.49 3.83
N GLN B 4 -21.61 2.03 4.24
CA GLN B 4 -22.82 2.46 3.59
C GLN B 4 -23.00 3.95 3.79
N GLU B 5 -23.82 4.55 2.94
CA GLU B 5 -24.01 6.00 2.99
C GLU B 5 -24.54 6.42 4.36
N TYR B 6 -25.50 5.65 4.90
CA TYR B 6 -26.11 6.01 6.18
C TYR B 6 -25.14 5.82 7.33
N GLN B 7 -24.29 4.80 7.25
CA GLN B 7 -23.27 4.62 8.28
C GLN B 7 -22.27 5.77 8.26
N SER B 8 -21.83 6.20 7.07
CA SER B 8 -20.77 7.21 7.03
C SER B 8 -21.30 8.59 7.39
N LYS B 9 -22.52 8.92 6.97
CA LYS B 9 -23.09 10.21 7.33
C LYS B 9 -23.48 10.28 8.79
N LYS B 10 -23.87 9.15 9.39
CA LYS B 10 -24.13 9.15 10.83
C LYS B 10 -22.85 9.38 11.61
N LEU B 11 -21.78 8.71 11.20
CA LEU B 11 -20.47 8.97 11.76
C LEU B 11 -20.15 10.46 11.73
N MET B 12 -20.40 11.11 10.60
CA MET B 12 -20.13 12.54 10.49
C MET B 12 -21.09 13.36 11.35
N SER B 13 -22.37 13.00 11.34
CA SER B 13 -23.35 13.76 12.11
C SER B 13 -23.04 13.71 13.60
N ASP B 14 -22.65 12.53 14.10
CA ASP B 14 -22.29 12.39 15.52
C ASP B 14 -21.04 13.18 15.90
N ASN B 15 -20.24 13.63 14.95
CA ASN B 15 -19.03 14.38 15.29
C ASN B 15 -19.12 15.85 14.91
N GLY B 16 -20.34 16.40 14.90
CA GLY B 16 -20.54 17.83 14.66
C GLY B 16 -20.65 18.25 13.21
N VAL B 17 -20.40 17.35 12.26
CA VAL B 17 -20.49 17.71 10.85
C VAL B 17 -21.96 17.69 10.43
N ARG B 18 -22.38 18.75 9.73
CA ARG B 18 -23.79 18.89 9.33
C ARG B 18 -24.04 18.15 8.03
N VAL B 19 -25.07 17.31 8.04
CA VAL B 19 -25.50 16.56 6.89
C VAL B 19 -27.02 16.65 6.82
N GLN B 20 -27.57 16.28 5.67
CA GLN B 20 -29.02 16.18 5.53
C GLN B 20 -29.60 15.31 6.64
N ARG B 21 -30.72 15.72 7.21
CA ARG B 21 -31.38 14.84 8.15
C ARG B 21 -31.88 13.60 7.42
N PHE B 22 -31.82 12.45 8.09
CA PHE B 22 -32.28 11.23 7.46
C PHE B 22 -32.59 10.16 8.49
N PHE B 23 -33.35 9.18 8.05
CA PHE B 23 -33.64 7.95 8.77
C PHE B 23 -33.33 6.78 7.85
N VAL B 24 -33.27 5.58 8.41
CA VAL B 24 -32.89 4.36 7.67
C VAL B 24 -34.01 3.34 7.82
N ALA B 25 -34.66 3.02 6.70
CA ALA B 25 -35.81 2.13 6.71
C ALA B 25 -35.40 0.73 6.31
N ASP B 26 -35.81 -0.25 7.10
CA ASP B 26 -35.70 -1.66 6.73
C ASP B 26 -36.91 -2.17 5.96
N THR B 27 -38.03 -1.45 6.03
CA THR B 27 -39.29 -1.88 5.42
C THR B 27 -39.93 -0.71 4.70
N ALA B 28 -40.80 -1.02 3.73
CA ALA B 28 -41.56 0.03 3.05
C ALA B 28 -42.35 0.85 4.04
N ASN B 29 -42.93 0.21 5.06
CA ASN B 29 -43.64 0.96 6.08
C ASN B 29 -42.69 1.88 6.82
N GLU B 30 -41.52 1.36 7.21
CA GLU B 30 -40.51 2.19 7.87
C GLU B 30 -40.19 3.43 7.03
N ALA B 31 -40.09 3.26 5.71
CA ALA B 31 -39.78 4.39 4.84
C ALA B 31 -40.90 5.42 4.86
N LEU B 32 -42.14 4.97 4.90
CA LEU B 32 -43.27 5.88 4.94
C LEU B 32 -43.26 6.71 6.22
N GLU B 33 -43.19 6.04 7.37
CA GLU B 33 -43.17 6.74 8.66
C GLU B 33 -41.98 7.70 8.75
N ALA B 34 -40.81 7.26 8.29
CA ALA B 34 -39.65 8.13 8.26
C ALA B 34 -39.90 9.37 7.43
N ALA B 35 -40.48 9.20 6.25
CA ALA B 35 -40.83 10.34 5.40
C ALA B 35 -41.73 11.31 6.14
N LYS B 36 -42.72 10.79 6.88
CA LYS B 36 -43.58 11.67 7.67
C LYS B 36 -42.79 12.39 8.74
N ARG B 37 -41.91 11.64 9.44
CA ARG B 37 -41.24 12.17 10.62
C ARG B 37 -40.20 13.25 10.31
N LEU B 38 -40.00 13.63 9.04
CA LEU B 38 -38.85 14.45 8.67
C LEU B 38 -39.08 15.94 8.80
N ASN B 39 -40.34 16.41 8.75
CA ASN B 39 -40.66 17.83 8.59
C ASN B 39 -39.88 18.40 7.42
N ALA B 40 -40.04 17.73 6.28
CA ALA B 40 -39.29 18.02 5.06
C ALA B 40 -40.26 18.47 3.99
N LYS B 41 -39.90 19.56 3.30
CA LYS B 41 -40.69 20.01 2.17
C LYS B 41 -40.53 19.06 1.00
N GLU B 42 -39.34 18.46 0.86
CA GLU B 42 -39.10 17.45 -0.16
C GLU B 42 -38.26 16.32 0.44
N ILE B 43 -38.57 15.10 0.03
CA ILE B 43 -37.94 13.90 0.55
C ILE B 43 -37.08 13.29 -0.55
N VAL B 44 -35.97 12.71 -0.17
CA VAL B 44 -35.20 11.90 -1.10
C VAL B 44 -35.11 10.50 -0.52
N LEU B 45 -35.10 9.51 -1.42
CA LEU B 45 -35.11 8.11 -1.03
C LEU B 45 -33.98 7.44 -1.81
N LYS B 46 -33.05 6.80 -1.09
CA LYS B 46 -31.80 6.33 -1.68
C LYS B 46 -31.51 4.90 -1.26
N ALA B 47 -31.39 4.01 -2.24
CA ALA B 47 -30.96 2.65 -1.99
C ALA B 47 -29.59 2.64 -1.33
N GLN B 48 -29.44 1.77 -0.33
CA GLN B 48 -28.21 1.69 0.45
C GLN B 48 -27.42 0.50 -0.06
N ILE B 49 -26.53 0.77 -1.02
CA ILE B 49 -25.55 -0.20 -1.49
C ILE B 49 -24.23 0.55 -1.68
N LEU B 50 -23.16 -0.22 -1.82
CA LEU B 50 -21.82 0.34 -1.84
C LEU B 50 -21.39 0.83 -3.23
N ALA B 51 -21.87 0.17 -4.28
CA ALA B 51 -21.53 0.53 -5.64
C ALA B 51 -21.95 1.97 -5.97
N GLY B 52 -21.36 2.51 -7.04
CA GLY B 52 -21.68 3.85 -7.49
C GLY B 52 -22.74 3.82 -8.59
N GLY B 53 -23.10 5.02 -9.03
CA GLY B 53 -24.12 5.15 -10.05
C GLY B 53 -25.46 4.53 -9.67
N ARG B 54 -25.81 4.58 -8.38
CA ARG B 54 -27.12 4.08 -7.99
C ARG B 54 -28.24 4.87 -8.64
N GLY B 55 -27.97 6.13 -9.02
CA GLY B 55 -28.95 6.99 -9.64
C GLY B 55 -29.69 6.35 -10.79
N LYS B 56 -28.95 5.90 -11.80
CA LYS B 56 -29.53 5.17 -12.93
C LYS B 56 -29.21 3.68 -12.75
N GLY B 57 -30.00 3.03 -11.89
CA GLY B 57 -29.94 1.59 -11.74
C GLY B 57 -31.31 1.00 -12.03
N VAL B 58 -31.40 -0.33 -11.90
CA VAL B 58 -32.65 -1.03 -12.15
C VAL B 58 -32.92 -2.02 -11.03
N PHE B 59 -34.21 -2.30 -10.79
CA PHE B 59 -34.66 -3.26 -9.79
C PHE B 59 -35.42 -4.41 -10.43
N ASN B 60 -35.23 -5.61 -9.87
CA ASN B 60 -35.97 -6.78 -10.32
C ASN B 60 -37.47 -6.51 -10.30
N SER B 61 -37.95 -5.73 -9.32
CA SER B 61 -39.35 -5.31 -9.29
C SER B 61 -39.75 -4.48 -10.49
N GLY B 62 -38.80 -4.09 -11.34
CA GLY B 62 -39.06 -3.28 -12.49
C GLY B 62 -38.70 -1.82 -12.32
N LEU B 63 -38.59 -1.35 -11.08
CA LEU B 63 -38.34 0.05 -10.83
C LEU B 63 -37.02 0.49 -11.46
N LYS B 64 -37.09 1.57 -12.23
CA LYS B 64 -35.90 2.24 -12.73
C LYS B 64 -35.51 3.34 -11.73
N GLY B 65 -34.23 3.37 -11.37
CA GLY B 65 -33.71 4.44 -10.53
C GLY B 65 -33.59 4.10 -9.06
N GLY B 66 -32.36 4.00 -8.56
CA GLY B 66 -32.19 3.69 -7.16
C GLY B 66 -32.48 4.85 -6.23
N VAL B 67 -32.45 6.08 -6.75
CA VAL B 67 -32.62 7.29 -5.96
C VAL B 67 -33.83 8.04 -6.51
N HIS B 68 -34.72 8.46 -5.62
CA HIS B 68 -35.97 9.08 -6.04
C HIS B 68 -36.32 10.29 -5.19
N LEU B 69 -37.09 11.19 -5.79
CA LEU B 69 -37.51 12.43 -5.17
C LEU B 69 -39.02 12.52 -5.19
N THR B 70 -39.56 13.10 -4.14
CA THR B 70 -41.00 13.24 -4.00
C THR B 70 -41.26 14.12 -2.80
N LYS B 71 -42.35 14.88 -2.88
CA LYS B 71 -42.81 15.60 -1.70
C LYS B 71 -43.78 14.77 -0.88
N ASP B 72 -44.20 13.60 -1.38
CA ASP B 72 -45.32 12.86 -0.80
C ASP B 72 -44.84 11.61 -0.08
N PRO B 73 -44.94 11.55 1.24
CA PRO B 73 -44.46 10.37 1.98
C PRO B 73 -45.06 9.08 1.46
N ASN B 74 -46.30 9.12 1.00
CA ASN B 74 -46.92 7.95 0.41
C ASN B 74 -46.11 7.43 -0.75
N VAL B 75 -45.68 8.32 -1.65
CA VAL B 75 -44.80 7.96 -2.75
C VAL B 75 -43.57 7.22 -2.23
N VAL B 76 -42.97 7.70 -1.14
CA VAL B 76 -41.83 7.02 -0.53
C VAL B 76 -42.17 5.57 -0.22
N GLY B 77 -43.32 5.35 0.43
CA GLY B 77 -43.71 3.99 0.75
C GLY B 77 -43.77 3.09 -0.48
N GLN B 78 -44.53 3.51 -1.49
CA GLN B 78 -44.65 2.71 -2.71
C GLN B 78 -43.29 2.42 -3.31
N LEU B 79 -42.51 3.48 -3.57
CA LEU B 79 -41.21 3.30 -4.23
C LEU B 79 -40.31 2.42 -3.40
N ALA B 80 -40.39 2.53 -2.07
CA ALA B 80 -39.57 1.67 -1.20
C ALA B 80 -39.99 0.20 -1.33
N LYS B 81 -41.30 -0.05 -1.40
CA LYS B 81 -41.74 -1.43 -1.58
C LYS B 81 -41.11 -2.06 -2.81
N GLN B 82 -40.89 -1.25 -3.86
CA GLN B 82 -40.21 -1.67 -5.08
C GLN B 82 -38.68 -1.71 -4.94
N MET B 83 -38.13 -1.35 -3.78
CA MET B 83 -36.70 -1.50 -3.54
C MET B 83 -36.39 -2.59 -2.54
N ILE B 84 -37.01 -2.54 -1.36
CA ILE B 84 -36.53 -3.32 -0.22
C ILE B 84 -36.73 -4.80 -0.48
N GLY B 85 -35.63 -5.55 -0.43
CA GLY B 85 -35.61 -6.96 -0.77
C GLY B 85 -35.11 -7.18 -2.17
N TYR B 86 -35.60 -6.37 -3.12
CA TYR B 86 -35.27 -6.54 -4.53
C TYR B 86 -33.80 -6.26 -4.75
N ASN B 87 -33.35 -6.37 -6.00
CA ASN B 87 -31.95 -6.24 -6.30
C ASN B 87 -31.71 -5.08 -7.24
N LEU B 88 -30.64 -4.35 -6.99
CA LEU B 88 -30.28 -3.16 -7.74
C LEU B 88 -29.06 -3.48 -8.58
N ALA B 89 -29.21 -3.41 -9.88
CA ALA B 89 -28.09 -3.51 -10.81
C ALA B 89 -27.69 -2.11 -11.25
N THR B 90 -26.39 -1.84 -11.28
CA THR B 90 -25.87 -0.60 -11.79
C THR B 90 -24.71 -0.88 -12.74
N LYS B 91 -24.09 0.19 -13.25
CA LYS B 91 -22.88 0.12 -14.03
C LYS B 91 -21.66 -0.09 -13.16
N GLN B 92 -21.88 -0.57 -11.93
CA GLN B 92 -20.83 -0.96 -11.01
C GLN B 92 -21.10 -2.31 -10.34
N THR B 93 -22.16 -3.01 -10.74
CA THR B 93 -22.44 -4.30 -10.13
C THR B 93 -22.53 -5.38 -11.21
N PRO B 94 -22.24 -6.63 -10.86
CA PRO B 94 -22.50 -7.74 -11.79
C PRO B 94 -23.96 -7.75 -12.22
N LYS B 95 -24.22 -8.41 -13.36
CA LYS B 95 -25.58 -8.40 -13.91
C LYS B 95 -26.60 -8.95 -12.93
N GLU B 96 -26.14 -9.63 -11.88
CA GLU B 96 -27.04 -10.03 -10.80
C GLU B 96 -27.64 -8.83 -10.09
N GLY B 97 -26.82 -7.82 -9.82
CA GLY B 97 -27.21 -6.69 -9.01
C GLY B 97 -26.68 -6.81 -7.60
N VAL B 98 -27.31 -6.08 -6.69
CA VAL B 98 -27.03 -6.19 -5.26
C VAL B 98 -28.36 -6.18 -4.53
N LYS B 99 -28.50 -7.06 -3.54
CA LYS B 99 -29.71 -7.05 -2.73
C LYS B 99 -29.75 -5.77 -1.91
N VAL B 100 -30.90 -5.09 -1.94
CA VAL B 100 -31.11 -3.86 -1.20
C VAL B 100 -31.89 -4.21 0.06
N ASN B 101 -31.23 -4.08 1.21
CA ASN B 101 -31.85 -4.35 2.50
C ASN B 101 -32.33 -3.10 3.20
N LYS B 102 -31.60 -1.99 3.06
CA LYS B 102 -31.96 -0.74 3.70
C LYS B 102 -32.04 0.34 2.64
N VAL B 103 -32.93 1.30 2.88
CA VAL B 103 -33.02 2.52 2.09
C VAL B 103 -32.92 3.71 3.02
N MET B 104 -32.30 4.78 2.55
CA MET B 104 -32.25 6.03 3.30
C MET B 104 -33.44 6.90 2.92
N VAL B 105 -34.14 7.43 3.91
CA VAL B 105 -35.23 8.38 3.72
C VAL B 105 -34.74 9.71 4.29
N ALA B 106 -34.36 10.64 3.41
CA ALA B 106 -33.72 11.89 3.83
C ALA B 106 -34.50 13.12 3.36
N GLU B 107 -34.22 14.24 4.01
CA GLU B 107 -34.69 15.54 3.53
C GLU B 107 -33.79 15.98 2.40
N ALA B 108 -34.39 16.53 1.34
CA ALA B 108 -33.64 17.01 0.18
C ALA B 108 -33.48 18.52 0.30
N LEU B 109 -32.25 18.98 0.40
CA LEU B 109 -31.95 20.38 0.60
C LEU B 109 -31.48 21.01 -0.71
N ASP B 110 -31.98 22.19 -1.01
CA ASP B 110 -31.54 22.89 -2.20
C ASP B 110 -30.11 23.40 -2.03
N ILE B 111 -29.36 23.39 -3.12
CA ILE B 111 -27.98 23.85 -3.14
C ILE B 111 -27.97 25.21 -3.82
N SER B 112 -27.44 26.21 -3.12
CA SER B 112 -27.20 27.52 -3.72
C SER B 112 -25.82 27.64 -4.31
N ARG B 113 -24.84 26.97 -3.73
CA ARG B 113 -23.45 27.09 -4.16
C ARG B 113 -22.73 25.81 -3.79
N GLU B 114 -21.61 25.55 -4.48
CA GLU B 114 -20.93 24.26 -4.41
C GLU B 114 -19.43 24.46 -4.31
N THR B 115 -18.80 23.92 -3.26
CA THR B 115 -17.35 23.88 -3.18
C THR B 115 -16.88 22.45 -2.98
N TYR B 116 -15.56 22.24 -3.12
CA TYR B 116 -14.91 20.97 -2.84
C TYR B 116 -14.06 21.10 -1.58
N LEU B 117 -14.14 20.11 -0.69
CA LEU B 117 -13.25 20.15 0.47
C LEU B 117 -12.95 18.74 0.94
N ALA B 118 -11.66 18.44 1.05
CA ALA B 118 -11.20 17.18 1.59
C ALA B 118 -10.04 17.42 2.54
N ILE B 119 -9.94 16.52 3.53
CA ILE B 119 -8.79 16.40 4.41
C ILE B 119 -8.10 15.08 4.10
N LEU B 120 -6.78 15.11 4.08
CA LEU B 120 -5.99 14.08 3.44
C LEU B 120 -4.60 14.01 4.07
N MET B 121 -4.13 12.79 4.30
CA MET B 121 -2.74 12.57 4.64
C MET B 121 -1.94 12.58 3.34
N ASP B 122 -1.22 13.68 3.09
CA ASP B 122 -0.54 13.85 1.81
C ASP B 122 0.89 13.33 1.88
N ARG B 123 1.20 12.32 1.07
CA ARG B 123 2.55 11.74 1.05
C ARG B 123 3.61 12.77 0.68
N SER B 124 3.28 13.70 -0.23
CA SER B 124 4.27 14.69 -0.63
C SER B 124 4.62 15.62 0.52
N CYS B 125 3.65 15.94 1.37
CA CYS B 125 3.80 16.98 2.36
C CYS B 125 4.23 16.46 3.74
N ASN B 126 4.16 15.15 3.99
CA ASN B 126 4.51 14.50 5.26
C ASN B 126 3.52 14.75 6.40
N GLY B 127 2.35 15.31 6.11
CA GLY B 127 1.35 15.54 7.12
C GLY B 127 -0.05 15.70 6.56
N PRO B 128 -1.01 16.01 7.43
CA PRO B 128 -2.37 16.27 6.95
C PRO B 128 -2.41 17.56 6.16
N VAL B 129 -3.22 17.56 5.11
CA VAL B 129 -3.41 18.75 4.31
C VAL B 129 -4.90 18.96 4.03
N LEU B 130 -5.35 20.21 4.18
CA LEU B 130 -6.65 20.64 3.67
C LEU B 130 -6.54 20.94 2.18
N VAL B 131 -7.47 20.39 1.39
CA VAL B 131 -7.58 20.71 -0.03
C VAL B 131 -8.99 21.19 -0.35
N GLY B 132 -9.09 22.44 -0.79
CA GLY B 132 -10.39 23.01 -1.12
C GLY B 132 -10.40 23.59 -2.51
N SER B 133 -11.61 23.60 -3.11
CA SER B 133 -11.81 24.38 -4.33
C SER B 133 -13.15 25.11 -4.28
N PRO B 134 -13.17 26.41 -4.61
CA PRO B 134 -14.45 27.10 -4.79
C PRO B 134 -15.32 26.50 -5.87
N GLN B 135 -14.75 25.64 -6.70
CA GLN B 135 -15.44 25.02 -7.82
C GLN B 135 -15.76 23.59 -7.41
N GLY B 136 -16.99 23.37 -6.94
CA GLY B 136 -17.41 22.08 -6.44
C GLY B 136 -18.41 21.42 -7.35
N GLY B 137 -18.75 20.17 -6.99
CA GLY B 137 -19.71 19.41 -7.78
C GLY B 137 -19.15 18.71 -9.00
N VAL B 138 -17.83 18.75 -9.20
CA VAL B 138 -17.16 18.04 -10.29
C VAL B 138 -16.00 17.29 -9.68
N ASP B 139 -15.47 16.34 -10.43
CA ASP B 139 -14.37 15.55 -9.90
C ASP B 139 -13.14 16.43 -9.73
N ILE B 140 -12.45 16.25 -8.59
CA ILE B 140 -11.37 17.14 -8.25
C ILE B 140 -10.27 17.12 -9.31
N GLU B 141 -10.05 15.97 -9.95
CA GLU B 141 -8.95 15.85 -10.91
C GLU B 141 -9.13 16.78 -12.09
N GLU B 142 -10.32 16.79 -12.69
CA GLU B 142 -10.56 17.69 -13.81
C GLU B 142 -10.33 19.14 -13.40
N VAL B 143 -10.64 19.50 -12.15
CA VAL B 143 -10.43 20.89 -11.72
C VAL B 143 -8.96 21.25 -11.75
N ALA B 144 -8.12 20.35 -11.24
CA ALA B 144 -6.68 20.61 -11.21
C ALA B 144 -6.09 20.72 -12.61
N ALA B 145 -6.56 19.87 -13.54
CA ALA B 145 -6.02 19.91 -14.90
C ALA B 145 -6.37 21.22 -15.60
N SER B 146 -7.61 21.69 -15.45
CA SER B 146 -8.07 22.87 -16.16
C SER B 146 -7.77 24.18 -15.44
N ASN B 147 -7.94 24.24 -14.11
CA ASN B 147 -7.77 25.47 -13.34
C ASN B 147 -7.00 25.21 -12.05
N PRO B 148 -5.71 24.89 -12.14
CA PRO B 148 -4.92 24.70 -10.92
C PRO B 148 -4.90 25.91 -9.99
N GLU B 149 -5.18 27.11 -10.50
CA GLU B 149 -5.17 28.28 -9.61
C GLU B 149 -6.37 28.28 -8.66
N LEU B 150 -7.31 27.35 -8.84
CA LEU B 150 -8.51 27.21 -8.02
C LEU B 150 -8.40 26.02 -7.07
N ILE B 151 -7.20 25.45 -6.93
CA ILE B 151 -6.88 24.49 -5.90
C ILE B 151 -6.12 25.23 -4.80
N PHE B 152 -6.62 25.15 -3.58
CA PHE B 152 -5.99 25.78 -2.43
C PHE B 152 -5.63 24.71 -1.43
N LYS B 153 -4.47 24.84 -0.79
CA LYS B 153 -4.04 23.80 0.13
C LYS B 153 -3.47 24.41 1.42
N GLU B 154 -3.86 23.84 2.57
CA GLU B 154 -3.29 24.21 3.86
C GLU B 154 -2.70 22.97 4.52
N GLN B 155 -1.38 23.00 4.76
CA GLN B 155 -0.73 21.98 5.56
C GLN B 155 -1.03 22.22 7.04
N ILE B 156 -1.36 21.15 7.75
CA ILE B 156 -1.69 21.23 9.16
C ILE B 156 -0.59 20.49 9.91
N ASP B 157 0.00 21.17 10.89
CA ASP B 157 0.99 20.51 11.73
C ASP B 157 0.27 19.58 12.67
N ILE B 158 0.69 18.30 12.70
CA ILE B 158 -0.12 17.27 13.34
C ILE B 158 -0.13 17.39 14.87
N PHE B 159 0.87 18.03 15.44
CA PHE B 159 0.81 18.22 16.88
C PHE B 159 0.04 19.47 17.25
N GLU B 160 0.28 20.57 16.54
CA GLU B 160 -0.37 21.82 16.87
C GLU B 160 -1.85 21.77 16.53
N GLY B 161 -2.24 20.94 15.56
CA GLY B 161 -3.63 20.86 15.18
C GLY B 161 -4.04 22.01 14.30
N ILE B 162 -5.28 21.94 13.86
CA ILE B 162 -5.82 22.95 12.95
C ILE B 162 -6.11 24.22 13.73
N LYS B 163 -5.61 25.33 13.23
CA LYS B 163 -5.78 26.62 13.89
C LYS B 163 -6.89 27.38 13.22
N ASP B 164 -7.50 28.28 13.97
CA ASP B 164 -8.62 29.04 13.43
C ASP B 164 -8.22 29.78 12.17
N SER B 165 -7.03 30.37 12.14
CA SER B 165 -6.60 31.09 10.96
C SER B 165 -6.61 30.20 9.72
N GLN B 166 -6.25 28.93 9.88
CA GLN B 166 -6.23 28.03 8.73
C GLN B 166 -7.66 27.79 8.23
N ALA B 167 -8.61 27.60 9.15
CA ALA B 167 -10.00 27.40 8.75
C ALA B 167 -10.61 28.67 8.16
N GLN B 168 -10.36 29.82 8.77
CA GLN B 168 -10.83 31.08 8.19
C GLN B 168 -10.32 31.25 6.76
N ARG B 169 -9.04 30.97 6.55
CA ARG B 169 -8.43 31.22 5.25
C ARG B 169 -9.02 30.30 4.19
N MET B 170 -9.17 29.01 4.50
CA MET B 170 -9.73 28.11 3.50
C MET B 170 -11.18 28.46 3.20
N ALA B 171 -11.98 28.72 4.24
CA ALA B 171 -13.36 29.15 4.04
C ALA B 171 -13.43 30.34 3.09
N GLU B 172 -12.64 31.37 3.39
CA GLU B 172 -12.51 32.54 2.54
C GLU B 172 -12.16 32.16 1.10
N ASN B 173 -11.17 31.27 0.92
CA ASN B 173 -10.75 30.95 -0.43
C ASN B 173 -11.81 30.14 -1.17
N LEU B 174 -12.72 29.49 -0.47
CA LEU B 174 -13.78 28.77 -1.15
C LEU B 174 -14.99 29.65 -1.38
N GLY B 175 -14.90 30.91 -1.01
CA GLY B 175 -15.96 31.85 -1.33
C GLY B 175 -17.13 31.89 -0.38
N PHE B 176 -16.98 31.43 0.86
CA PHE B 176 -18.02 31.67 1.84
C PHE B 176 -17.83 33.06 2.44
N VAL B 177 -18.95 33.78 2.62
CA VAL B 177 -18.92 35.14 3.15
C VAL B 177 -19.85 35.27 4.35
N GLY B 178 -19.45 36.14 5.29
CA GLY B 178 -20.25 36.48 6.42
C GLY B 178 -20.54 35.28 7.30
N PRO B 179 -21.81 35.12 7.68
CA PRO B 179 -22.15 34.01 8.59
C PRO B 179 -21.86 32.66 7.98
N LEU B 180 -21.90 32.53 6.65
CA LEU B 180 -21.46 31.30 5.99
C LEU B 180 -19.96 31.06 6.16
N LYS B 181 -19.17 32.13 6.20
CA LYS B 181 -17.76 31.95 6.52
C LYS B 181 -17.59 31.31 7.90
N SER B 182 -18.37 31.75 8.88
CA SER B 182 -18.22 31.18 10.22
C SER B 182 -18.62 29.71 10.22
N GLN B 183 -19.77 29.38 9.60
CA GLN B 183 -20.18 27.99 9.52
C GLN B 183 -19.12 27.16 8.81
N ALA B 184 -18.63 27.63 7.66
CA ALA B 184 -17.66 26.88 6.89
C ALA B 184 -16.38 26.67 7.68
N ALA B 185 -15.89 27.74 8.34
CA ALA B 185 -14.67 27.63 9.14
C ALA B 185 -14.87 26.66 10.28
N ASP B 186 -16.00 26.76 10.98
CA ASP B 186 -16.37 25.79 12.01
C ASP B 186 -16.38 24.37 11.46
N GLN B 187 -17.04 24.17 10.31
CA GLN B 187 -17.23 22.82 9.78
C GLN B 187 -15.92 22.21 9.26
N ILE B 188 -15.05 23.05 8.69
CA ILE B 188 -13.72 22.60 8.31
C ILE B 188 -12.98 22.07 9.52
N THR B 189 -13.13 22.75 10.67
CA THR B 189 -12.49 22.26 11.88
C THR B 189 -13.04 20.92 12.27
N LYS B 190 -14.37 20.82 12.38
CA LYS B 190 -14.98 19.58 12.82
C LYS B 190 -14.67 18.45 11.87
N LEU B 191 -14.60 18.74 10.57
CA LEU B 191 -14.19 17.73 9.59
C LEU B 191 -12.78 17.26 9.85
N TYR B 192 -11.90 18.19 10.21
CA TYR B 192 -10.52 17.78 10.40
C TYR B 192 -10.35 16.90 11.64
N ASN B 193 -10.97 17.28 12.76
CA ASN B 193 -10.89 16.45 13.96
C ASN B 193 -11.61 15.12 13.76
N LEU B 194 -12.68 15.11 12.96
CA LEU B 194 -13.27 13.85 12.55
C LEU B 194 -12.25 12.98 11.84
N PHE B 195 -11.40 13.60 11.02
CA PHE B 195 -10.44 12.83 10.21
C PHE B 195 -9.33 12.25 11.08
N LEU B 196 -8.98 12.91 12.19
CA LEU B 196 -7.98 12.33 13.09
C LEU B 196 -8.58 11.27 14.00
N LYS B 197 -9.80 11.50 14.47
CA LYS B 197 -10.45 10.57 15.39
C LYS B 197 -10.56 9.19 14.77
N ILE B 198 -11.03 9.12 13.52
CA ILE B 198 -11.36 7.83 12.91
C ILE B 198 -10.21 7.29 12.08
N ASP B 199 -9.02 7.88 12.19
CA ASP B 199 -7.84 7.38 11.51
C ASP B 199 -8.08 7.30 10.00
N ALA B 200 -8.71 8.34 9.46
CA ALA B 200 -8.95 8.39 8.04
C ALA B 200 -7.67 8.72 7.30
N THR B 201 -7.52 8.15 6.09
CA THR B 201 -6.55 8.63 5.11
C THR B 201 -7.09 9.76 4.24
N GLN B 202 -8.42 9.85 4.09
CA GLN B 202 -9.06 10.96 3.39
C GLN B 202 -10.48 11.11 3.90
N VAL B 203 -10.89 12.36 4.13
CA VAL B 203 -12.31 12.69 4.22
C VAL B 203 -12.59 13.69 3.12
N GLU B 204 -13.48 13.35 2.20
CA GLU B 204 -13.74 14.15 1.01
C GLU B 204 -15.18 14.61 0.99
N VAL B 205 -15.39 15.93 1.09
CA VAL B 205 -16.73 16.50 1.02
C VAL B 205 -16.91 17.16 -0.36
N ASN B 206 -17.80 16.60 -1.17
CA ASN B 206 -18.15 17.19 -2.46
C ASN B 206 -19.57 16.79 -2.80
N PRO B 207 -20.54 17.73 -2.76
CA PRO B 207 -20.37 19.17 -2.58
C PRO B 207 -20.36 19.68 -1.11
N PHE B 208 -19.38 20.52 -0.80
CA PHE B 208 -19.33 21.29 0.45
C PHE B 208 -19.97 22.64 0.14
N GLY B 209 -21.23 22.82 0.54
CA GLY B 209 -22.01 23.93 -0.01
C GLY B 209 -22.86 24.77 0.92
N GLU B 210 -23.76 25.57 0.34
CA GLU B 210 -24.69 26.44 1.05
C GLU B 210 -26.13 26.14 0.64
N THR B 211 -27.03 26.11 1.61
CA THR B 211 -28.45 26.08 1.24
C THR B 211 -28.94 27.51 1.00
N PRO B 212 -30.10 27.66 0.36
CA PRO B 212 -30.66 29.01 0.20
C PRO B 212 -30.93 29.72 1.50
N GLU B 213 -31.45 29.01 2.52
CA GLU B 213 -31.74 29.62 3.81
C GLU B 213 -30.49 30.07 4.56
N GLY B 214 -29.29 29.81 4.05
CA GLY B 214 -28.07 30.28 4.68
C GLY B 214 -27.33 29.27 5.56
N GLN B 215 -27.32 28.01 5.16
CA GLN B 215 -26.68 26.97 5.96
C GLN B 215 -25.59 26.30 5.15
N VAL B 216 -24.42 26.13 5.76
CA VAL B 216 -23.35 25.31 5.21
C VAL B 216 -23.61 23.85 5.55
N VAL B 217 -23.62 22.98 4.53
CA VAL B 217 -23.96 21.57 4.67
C VAL B 217 -23.03 20.74 3.81
N CYS B 218 -22.47 19.67 4.37
CA CYS B 218 -21.76 18.67 3.57
C CYS B 218 -22.83 17.82 2.90
N PHE B 219 -23.08 18.09 1.62
CA PHE B 219 -24.19 17.43 0.95
C PHE B 219 -23.90 15.97 0.63
N ASP B 220 -22.62 15.60 0.55
CA ASP B 220 -22.21 14.26 0.20
C ASP B 220 -20.74 14.12 0.55
N ALA B 221 -20.34 12.91 0.90
CA ALA B 221 -18.96 12.76 1.30
C ALA B 221 -18.56 11.29 1.20
N LYS B 222 -17.27 11.08 1.09
CA LYS B 222 -16.70 9.75 0.97
C LYS B 222 -15.57 9.69 1.99
N ILE B 223 -15.52 8.62 2.78
CA ILE B 223 -14.47 8.47 3.79
C ILE B 223 -13.58 7.30 3.42
N ASN B 224 -12.26 7.52 3.48
CA ASN B 224 -11.31 6.42 3.28
C ASN B 224 -10.56 6.14 4.57
N PHE B 225 -10.63 4.88 5.04
CA PHE B 225 -10.08 4.48 6.32
C PHE B 225 -8.73 3.79 6.15
N ASP B 226 -7.79 4.10 7.05
CA ASP B 226 -6.50 3.42 7.10
C ASP B 226 -6.70 2.00 7.64
N ASP B 227 -6.48 1.00 6.79
CA ASP B 227 -6.63 -0.39 7.24
C ASP B 227 -5.66 -0.72 8.38
N ASN B 228 -4.50 -0.07 8.42
CA ASN B 228 -3.52 -0.36 9.45
C ASN B 228 -4.09 -0.14 10.85
N ALA B 229 -4.91 0.91 11.01
CA ALA B 229 -5.43 1.35 12.31
C ALA B 229 -6.65 0.56 12.79
N GLU B 230 -6.96 -0.58 12.17
CA GLU B 230 -8.16 -1.31 12.55
C GLU B 230 -8.15 -1.67 14.03
N PHE B 231 -6.98 -2.03 14.58
CA PHE B 231 -6.91 -2.47 15.97
C PHE B 231 -7.38 -1.41 16.94
N ARG B 232 -7.58 -0.18 16.50
CA ARG B 232 -8.03 0.87 17.38
C ARG B 232 -9.22 1.62 16.78
N GLN B 233 -9.83 1.08 15.73
CA GLN B 233 -11.12 1.54 15.24
C GLN B 233 -12.06 0.34 15.19
N LYS B 234 -12.05 -0.42 16.29
CA LYS B 234 -12.83 -1.65 16.34
C LYS B 234 -14.29 -1.39 15.98
N ASP B 235 -14.89 -0.36 16.58
CA ASP B 235 -16.31 -0.12 16.38
C ASP B 235 -16.64 0.28 14.95
N ILE B 236 -15.73 0.99 14.29
CA ILE B 236 -16.01 1.40 12.93
C ILE B 236 -15.85 0.25 11.96
N PHE B 237 -14.73 -0.47 12.06
CA PHE B 237 -14.51 -1.57 11.13
C PHE B 237 -15.58 -2.65 11.27
N ALA B 238 -16.19 -2.76 12.44
CA ALA B 238 -17.31 -3.67 12.61
C ALA B 238 -18.48 -3.32 11.70
N MET B 239 -18.60 -2.06 11.28
CA MET B 239 -19.71 -1.70 10.41
C MET B 239 -19.53 -2.19 8.98
N ASP B 240 -18.41 -2.82 8.67
CA ASP B 240 -18.07 -3.15 7.29
C ASP B 240 -19.05 -4.16 6.70
N ASP B 241 -19.54 -3.83 5.50
CA ASP B 241 -20.41 -4.73 4.75
C ASP B 241 -19.52 -5.57 3.83
N LYS B 242 -19.07 -6.72 4.36
CA LYS B 242 -18.25 -7.61 3.57
C LYS B 242 -19.04 -8.31 2.48
N SER B 243 -20.36 -8.26 2.55
CA SER B 243 -21.22 -8.95 1.59
C SER B 243 -21.25 -8.30 0.23
N GLU B 244 -20.49 -7.28 -0.16
CA GLU B 244 -20.50 -6.82 -1.54
C GLU B 244 -19.16 -7.00 -2.24
N ASN B 245 -18.15 -7.54 -1.54
CA ASN B 245 -16.86 -7.86 -2.14
C ASN B 245 -16.93 -9.17 -2.90
N GLU B 246 -15.95 -9.36 -3.78
CA GLU B 246 -15.76 -10.66 -4.42
C GLU B 246 -15.61 -11.71 -3.32
N PRO B 247 -16.50 -12.70 -3.26
CA PRO B 247 -16.46 -13.66 -2.13
C PRO B 247 -15.15 -14.44 -2.03
N ILE B 248 -14.41 -14.60 -3.15
CA ILE B 248 -13.05 -15.14 -3.07
C ILE B 248 -12.18 -14.26 -2.18
N GLU B 249 -12.24 -12.96 -2.42
CA GLU B 249 -11.45 -12.02 -1.64
C GLU B 249 -11.75 -12.14 -0.16
N ASN B 250 -13.03 -12.39 0.19
CA ASN B 250 -13.41 -12.50 1.59
C ASN B 250 -12.83 -13.76 2.21
N GLU B 251 -12.92 -14.89 1.51
CA GLU B 251 -12.35 -16.13 2.01
C GLU B 251 -10.83 -16.00 2.15
N ALA B 252 -10.17 -15.44 1.13
CA ALA B 252 -8.74 -15.17 1.24
C ALA B 252 -8.42 -14.40 2.51
N ALA B 253 -9.19 -13.33 2.75
CA ALA B 253 -9.05 -12.53 3.96
C ALA B 253 -9.03 -13.39 5.22
N LYS B 254 -9.92 -14.39 5.29
CA LYS B 254 -10.01 -15.24 6.47
C LYS B 254 -8.70 -15.97 6.78
N TYR B 255 -7.74 -16.01 5.87
CA TYR B 255 -6.50 -16.75 6.08
C TYR B 255 -5.27 -15.85 5.95
N ASP B 256 -5.41 -14.55 6.23
CA ASP B 256 -4.31 -13.59 6.13
C ASP B 256 -3.69 -13.58 4.72
N LEU B 257 -4.47 -13.97 3.73
CA LEU B 257 -4.05 -13.94 2.33
C LEU B 257 -4.59 -12.66 1.70
N LYS B 258 -3.72 -11.92 1.05
CA LYS B 258 -4.11 -10.68 0.39
C LYS B 258 -4.41 -11.02 -1.06
N TYR B 259 -5.68 -11.09 -1.41
CA TYR B 259 -6.14 -11.48 -2.74
C TYR B 259 -6.87 -10.31 -3.38
N ILE B 260 -6.71 -10.16 -4.70
CA ILE B 260 -7.45 -9.17 -5.47
C ILE B 260 -7.77 -9.75 -6.85
N GLY B 261 -9.05 -9.81 -7.20
CA GLY B 261 -9.47 -10.45 -8.43
C GLY B 261 -9.27 -9.57 -9.66
N LEU B 262 -8.56 -10.09 -10.64
CA LEU B 262 -8.42 -9.51 -11.97
C LEU B 262 -9.27 -10.28 -12.98
N ASP B 263 -9.41 -9.72 -14.18
CA ASP B 263 -10.20 -10.35 -15.22
C ASP B 263 -9.29 -11.10 -16.18
N GLY B 264 -8.89 -12.29 -15.77
CA GLY B 264 -8.07 -13.13 -16.61
C GLY B 264 -8.31 -14.59 -16.32
N ASN B 265 -7.44 -15.45 -16.83
CA ASN B 265 -7.63 -16.88 -16.68
C ASN B 265 -6.41 -17.60 -16.14
N ILE B 266 -5.29 -16.90 -15.96
CA ILE B 266 -4.09 -17.49 -15.38
C ILE B 266 -4.01 -17.01 -13.93
N ALA B 267 -4.16 -17.94 -12.99
CA ALA B 267 -4.09 -17.57 -11.59
C ALA B 267 -2.64 -17.62 -11.15
N CYS B 268 -2.29 -16.77 -10.18
CA CYS B 268 -0.92 -16.76 -9.68
C CYS B 268 -0.93 -16.46 -8.19
N PHE B 269 0.05 -17.03 -7.48
CA PHE B 269 0.22 -16.69 -6.08
C PHE B 269 1.70 -16.71 -5.74
N VAL B 270 2.08 -15.74 -4.92
CA VAL B 270 3.45 -15.29 -4.76
C VAL B 270 3.58 -14.78 -3.34
N ASN B 271 4.76 -14.91 -2.75
CA ASN B 271 5.00 -14.29 -1.44
C ASN B 271 5.71 -12.96 -1.67
N GLY B 272 5.07 -11.88 -1.24
CA GLY B 272 5.54 -10.53 -1.51
C GLY B 272 4.60 -9.72 -2.38
N ALA B 273 4.10 -8.59 -1.85
CA ALA B 273 3.19 -7.73 -2.60
C ALA B 273 3.79 -7.29 -3.94
N GLY B 274 4.99 -6.72 -3.90
CA GLY B 274 5.59 -6.21 -5.12
C GLY B 274 5.87 -7.30 -6.14
N LEU B 275 6.36 -8.44 -5.68
CA LEU B 275 6.59 -9.54 -6.62
C LEU B 275 5.29 -10.11 -7.14
N ALA B 276 4.22 -10.02 -6.34
CA ALA B 276 2.92 -10.44 -6.84
C ALA B 276 2.43 -9.49 -7.95
N MET B 277 2.62 -8.19 -7.79
CA MET B 277 2.28 -7.26 -8.88
C MET B 277 3.16 -7.51 -10.09
N ALA B 278 4.45 -7.76 -9.89
CA ALA B 278 5.34 -8.04 -11.00
C ALA B 278 4.93 -9.32 -11.72
N THR B 279 4.49 -10.33 -10.97
CA THR B 279 4.09 -11.58 -11.61
C THR B 279 2.85 -11.38 -12.45
N CYS B 280 1.91 -10.55 -11.99
CA CYS B 280 0.78 -10.16 -12.83
C CYS B 280 1.26 -9.49 -14.10
N ASP B 281 2.17 -8.52 -13.99
CA ASP B 281 2.65 -7.82 -15.19
C ASP B 281 3.37 -8.77 -16.14
N ILE B 282 4.33 -9.53 -15.62
CA ILE B 282 5.14 -10.36 -16.50
C ILE B 282 4.30 -11.43 -17.17
N ILE B 283 3.17 -11.80 -16.57
CA ILE B 283 2.27 -12.73 -17.24
C ILE B 283 1.64 -12.06 -18.45
N PHE B 284 0.86 -11.01 -18.22
CA PHE B 284 0.33 -10.19 -19.30
C PHE B 284 1.41 -9.88 -20.33
N LEU B 285 2.58 -9.43 -19.87
CA LEU B 285 3.67 -9.03 -20.75
C LEU B 285 4.05 -10.10 -21.76
N ASN B 286 3.86 -11.37 -21.42
CA ASN B 286 4.07 -12.47 -22.36
C ASN B 286 2.77 -12.93 -22.99
N GLY B 287 1.79 -12.03 -23.12
CA GLY B 287 0.55 -12.28 -23.82
C GLY B 287 -0.63 -12.61 -22.93
N GLY B 288 -0.39 -13.15 -21.74
CA GLY B 288 -1.44 -13.76 -20.94
C GLY B 288 -2.43 -12.76 -20.34
N LYS B 289 -3.39 -13.33 -19.62
CA LYS B 289 -4.42 -12.57 -18.91
C LYS B 289 -4.52 -13.08 -17.47
N PRO B 290 -3.92 -12.39 -16.51
CA PRO B 290 -3.87 -12.93 -15.14
C PRO B 290 -5.22 -12.80 -14.44
N ALA B 291 -5.60 -13.89 -13.76
CA ALA B 291 -6.90 -13.96 -13.10
C ALA B 291 -6.94 -13.21 -11.78
N ASN B 292 -5.80 -12.95 -11.16
CA ASN B 292 -5.80 -12.48 -9.79
C ASN B 292 -4.40 -12.04 -9.40
N PHE B 293 -4.35 -11.25 -8.34
CA PHE B 293 -3.15 -10.98 -7.56
C PHE B 293 -3.34 -11.66 -6.22
N LEU B 294 -2.33 -12.38 -5.74
CA LEU B 294 -2.42 -12.99 -4.43
C LEU B 294 -1.05 -12.94 -3.75
N ASP B 295 -1.03 -12.53 -2.50
CA ASP B 295 0.21 -12.37 -1.75
C ASP B 295 0.13 -13.28 -0.53
N LEU B 296 0.96 -14.32 -0.51
CA LEU B 296 1.01 -15.20 0.65
C LEU B 296 1.57 -14.51 1.89
N GLY B 297 2.13 -13.32 1.75
CA GLY B 297 2.88 -12.72 2.83
C GLY B 297 4.25 -13.35 2.95
N GLY B 298 5.00 -12.88 3.95
CA GLY B 298 6.38 -13.32 4.08
C GLY B 298 6.52 -14.82 4.31
N GLY B 299 5.67 -15.38 5.17
CA GLY B 299 5.79 -16.78 5.57
C GLY B 299 4.98 -17.73 4.71
N VAL B 300 5.64 -18.81 4.28
CA VAL B 300 5.03 -19.89 3.51
C VAL B 300 4.83 -21.08 4.43
N LYS B 301 3.61 -21.59 4.50
CA LYS B 301 3.29 -22.76 5.29
C LYS B 301 2.79 -23.88 4.38
N GLU B 302 3.01 -25.12 4.82
CA GLU B 302 2.31 -26.25 4.20
C GLU B 302 0.80 -26.02 4.20
N ALA B 303 0.29 -25.29 5.21
CA ALA B 303 -1.13 -25.05 5.42
C ALA B 303 -1.64 -23.79 4.69
N GLN B 304 -0.87 -22.71 4.69
CA GLN B 304 -1.28 -21.52 3.95
C GLN B 304 -1.30 -21.79 2.46
N VAL B 305 -0.29 -22.52 1.97
CA VAL B 305 -0.24 -22.92 0.56
C VAL B 305 -1.50 -23.69 0.19
N TYR B 306 -1.99 -24.54 1.09
CA TYR B 306 -3.24 -25.26 0.85
C TYR B 306 -4.39 -24.30 0.60
N GLN B 307 -4.55 -23.30 1.47
CA GLN B 307 -5.69 -22.41 1.34
C GLN B 307 -5.62 -21.59 0.06
N ALA B 308 -4.42 -21.15 -0.32
CA ALA B 308 -4.25 -20.46 -1.59
C ALA B 308 -4.67 -21.35 -2.75
N PHE B 309 -4.12 -22.56 -2.82
CA PHE B 309 -4.53 -23.50 -3.85
C PHE B 309 -6.03 -23.77 -3.77
N LYS B 310 -6.59 -23.82 -2.56
CA LYS B 310 -8.02 -24.07 -2.42
C LYS B 310 -8.83 -22.95 -3.08
N LEU B 311 -8.39 -21.71 -2.93
CA LEU B 311 -9.09 -20.60 -3.57
C LEU B 311 -9.00 -20.69 -5.09
N LEU B 312 -7.79 -20.74 -5.61
CA LEU B 312 -7.58 -20.66 -7.05
C LEU B 312 -8.25 -21.82 -7.76
N THR B 313 -8.19 -23.02 -7.17
CA THR B 313 -8.80 -24.19 -7.78
C THR B 313 -10.32 -24.17 -7.66
N ALA B 314 -10.88 -23.26 -6.87
CA ALA B 314 -12.31 -23.07 -6.76
C ALA B 314 -12.82 -21.92 -7.63
N ASP B 315 -11.95 -21.22 -8.36
CA ASP B 315 -12.44 -20.10 -9.17
C ASP B 315 -12.76 -20.57 -10.59
N PRO B 316 -13.98 -20.31 -11.07
CA PRO B 316 -14.37 -20.79 -12.42
C PRO B 316 -13.56 -20.20 -13.57
N LYS B 317 -13.03 -18.97 -13.43
CA LYS B 317 -12.22 -18.38 -14.49
C LYS B 317 -10.86 -19.07 -14.65
N VAL B 318 -10.36 -19.75 -13.62
CA VAL B 318 -8.96 -20.14 -13.59
C VAL B 318 -8.70 -21.38 -14.45
N GLU B 319 -7.77 -21.25 -15.40
CA GLU B 319 -7.40 -22.37 -16.27
C GLU B 319 -5.91 -22.72 -16.17
N ALA B 320 -5.17 -22.10 -15.26
CA ALA B 320 -3.74 -22.34 -15.08
C ALA B 320 -3.31 -21.65 -13.80
N ILE B 321 -2.16 -22.06 -13.26
CA ILE B 321 -1.61 -21.44 -12.06
C ILE B 321 -0.10 -21.25 -12.21
N LEU B 322 0.38 -20.05 -11.90
CA LEU B 322 1.80 -19.75 -11.80
C LEU B 322 2.10 -19.44 -10.34
N VAL B 323 2.78 -20.34 -9.68
CA VAL B 323 3.29 -20.09 -8.33
C VAL B 323 4.72 -19.60 -8.45
N ASN B 324 5.06 -18.57 -7.68
CA ASN B 324 6.42 -18.06 -7.67
C ASN B 324 6.77 -17.64 -6.24
N ILE B 325 7.63 -18.41 -5.59
CA ILE B 325 7.97 -18.26 -4.18
C ILE B 325 9.46 -18.10 -4.05
N PHE B 326 9.88 -17.14 -3.23
CA PHE B 326 11.27 -17.07 -2.83
C PHE B 326 11.40 -17.79 -1.50
N GLY B 327 12.03 -18.97 -1.52
CA GLY B 327 12.14 -19.76 -0.30
C GLY B 327 13.02 -19.11 0.76
N GLY B 328 13.92 -18.21 0.36
CA GLY B 328 14.79 -17.55 1.31
C GLY B 328 15.71 -18.52 2.05
N ILE B 329 15.50 -18.68 3.35
CA ILE B 329 16.35 -19.54 4.17
C ILE B 329 15.63 -20.83 4.55
N VAL B 330 14.51 -21.15 3.90
CA VAL B 330 13.85 -22.43 4.08
C VAL B 330 14.12 -23.30 2.86
N ASN B 331 14.40 -24.58 3.13
CA ASN B 331 14.70 -25.54 2.08
C ASN B 331 13.51 -25.62 1.12
N CYS B 332 13.73 -25.19 -0.13
CA CYS B 332 12.66 -25.23 -1.12
C CYS B 332 12.16 -26.63 -1.41
N ALA B 333 12.87 -27.66 -0.97
CA ALA B 333 12.29 -29.00 -1.03
C ALA B 333 11.15 -29.14 -0.02
N ILE B 334 11.21 -28.40 1.09
CA ILE B 334 10.12 -28.39 2.05
C ILE B 334 8.97 -27.50 1.63
N ILE B 335 9.13 -26.74 0.54
CA ILE B 335 8.00 -26.02 -0.05
C ILE B 335 7.33 -26.83 -1.13
N ALA B 336 8.13 -27.41 -2.03
CA ALA B 336 7.59 -28.22 -3.11
C ALA B 336 6.82 -29.43 -2.57
N ASN B 337 7.16 -29.90 -1.37
CA ASN B 337 6.38 -30.96 -0.76
C ASN B 337 5.05 -30.42 -0.21
N GLY B 338 5.06 -29.21 0.35
CA GLY B 338 3.80 -28.55 0.68
C GLY B 338 2.95 -28.32 -0.56
N ILE B 339 3.59 -28.16 -1.72
CA ILE B 339 2.87 -27.89 -2.97
C ILE B 339 2.31 -29.17 -3.55
N THR B 340 3.10 -30.24 -3.56
CA THR B 340 2.60 -31.51 -4.06
C THR B 340 1.55 -32.10 -3.13
N LYS B 341 1.69 -31.86 -1.81
CA LYS B 341 0.69 -32.33 -0.87
C LYS B 341 -0.65 -31.66 -1.11
N ALA B 342 -0.64 -30.33 -1.14
CA ALA B 342 -1.88 -29.59 -1.36
C ALA B 342 -2.45 -29.82 -2.76
N CYS B 343 -1.60 -30.09 -3.76
CA CYS B 343 -2.12 -30.29 -5.10
C CYS B 343 -2.69 -31.69 -5.29
N ARG B 344 -2.21 -32.68 -4.55
CA ARG B 344 -2.83 -34.00 -4.57
C ARG B 344 -4.13 -34.01 -3.78
N GLU B 345 -4.12 -33.41 -2.57
CA GLU B 345 -5.33 -33.38 -1.75
C GLU B 345 -6.44 -32.60 -2.42
N LEU B 346 -6.10 -31.57 -3.17
CA LEU B 346 -7.09 -30.77 -3.86
C LEU B 346 -7.42 -31.30 -5.25
N GLU B 347 -6.81 -32.40 -5.66
CA GLU B 347 -7.09 -33.00 -6.95
C GLU B 347 -6.85 -31.98 -8.08
N LEU B 348 -5.62 -31.49 -8.12
CA LEU B 348 -5.25 -30.50 -9.12
C LEU B 348 -5.50 -31.03 -10.52
N LYS B 349 -6.35 -30.35 -11.27
CA LYS B 349 -6.63 -30.73 -12.65
C LYS B 349 -6.43 -29.59 -13.62
N VAL B 350 -5.77 -28.50 -13.22
CA VAL B 350 -5.33 -27.47 -14.16
C VAL B 350 -3.80 -27.42 -14.17
N PRO B 351 -3.17 -27.02 -15.27
CA PRO B 351 -1.71 -27.09 -15.35
C PRO B 351 -1.06 -26.00 -14.50
N LEU B 352 -0.12 -26.43 -13.66
CA LEU B 352 0.50 -25.56 -12.67
C LEU B 352 1.97 -25.38 -13.01
N VAL B 353 2.40 -24.12 -13.13
CA VAL B 353 3.82 -23.77 -13.25
C VAL B 353 4.30 -23.26 -11.91
N VAL B 354 5.45 -23.77 -11.45
CA VAL B 354 5.99 -23.39 -10.14
C VAL B 354 7.42 -22.90 -10.34
N ARG B 355 7.68 -21.66 -9.95
CA ARG B 355 9.03 -21.13 -9.83
C ARG B 355 9.39 -21.11 -8.34
N LEU B 356 10.45 -21.81 -7.98
CA LEU B 356 11.01 -21.74 -6.64
C LEU B 356 12.39 -21.10 -6.70
N GLU B 357 12.84 -20.64 -5.54
CA GLU B 357 14.14 -20.00 -5.41
C GLU B 357 14.52 -19.94 -3.95
N GLY B 358 15.81 -20.15 -3.67
CA GLY B 358 16.28 -20.26 -2.31
C GLY B 358 17.18 -21.47 -2.15
N THR B 359 17.24 -22.03 -0.95
CA THR B 359 18.15 -23.15 -0.71
C THR B 359 17.57 -24.42 -1.29
N ASN B 360 18.46 -25.27 -1.81
CA ASN B 360 18.12 -26.59 -2.34
C ASN B 360 17.02 -26.53 -3.40
N VAL B 361 17.19 -25.60 -4.37
CA VAL B 361 16.31 -25.57 -5.53
C VAL B 361 16.47 -26.83 -6.39
N GLN B 362 17.62 -27.52 -6.30
CA GLN B 362 17.87 -28.68 -7.15
C GLN B 362 16.92 -29.82 -6.81
N GLU B 363 16.93 -30.30 -5.55
CA GLU B 363 16.00 -31.34 -5.13
C GLU B 363 14.56 -30.88 -5.17
N ALA B 364 14.33 -29.56 -5.18
CA ALA B 364 12.97 -29.03 -5.25
C ALA B 364 12.39 -29.11 -6.66
N GLN B 365 13.18 -28.75 -7.68
CA GLN B 365 12.71 -28.87 -9.06
C GLN B 365 12.40 -30.33 -9.42
N LYS B 366 12.95 -31.29 -8.66
CA LYS B 366 12.74 -32.70 -8.93
C LYS B 366 11.40 -33.19 -8.37
N ILE B 367 11.13 -32.90 -7.09
CA ILE B 367 9.84 -33.28 -6.49
C ILE B 367 8.67 -32.74 -7.30
N LEU B 368 8.85 -31.57 -7.92
CA LEU B 368 7.77 -30.96 -8.71
C LEU B 368 7.53 -31.69 -10.02
N ASN B 369 8.59 -32.15 -10.69
CA ASN B 369 8.40 -32.88 -11.95
C ASN B 369 8.05 -34.36 -11.71
N ASN B 370 8.46 -34.91 -10.56
CA ASN B 370 8.23 -36.29 -10.18
C ASN B 370 6.91 -36.49 -9.45
N SER B 371 5.97 -35.54 -9.53
CA SER B 371 4.82 -35.51 -8.64
C SER B 371 3.67 -36.40 -9.10
N GLY B 372 3.61 -36.72 -10.40
CA GLY B 372 2.46 -37.42 -10.92
C GLY B 372 1.21 -36.58 -10.88
N LEU B 373 1.37 -35.26 -10.98
CA LEU B 373 0.32 -34.25 -11.02
C LEU B 373 0.67 -33.28 -12.13
N PRO B 374 -0.33 -32.52 -12.65
CA PRO B 374 -0.06 -31.65 -13.81
C PRO B 374 0.84 -30.45 -13.50
N ILE B 375 2.01 -30.74 -12.95
CA ILE B 375 2.92 -29.74 -12.39
C ILE B 375 4.21 -29.74 -13.20
N THR B 376 4.65 -28.56 -13.60
CA THR B 376 5.90 -28.39 -14.32
C THR B 376 6.66 -27.24 -13.67
N SER B 377 7.98 -27.36 -13.59
CA SER B 377 8.79 -26.35 -12.93
C SER B 377 9.35 -25.35 -13.93
N ALA B 378 9.99 -24.31 -13.39
CA ALA B 378 10.53 -23.23 -14.20
C ALA B 378 11.81 -22.70 -13.56
N ILE B 379 12.75 -22.28 -14.41
CA ILE B 379 14.05 -21.86 -13.91
C ILE B 379 13.99 -20.45 -13.32
N ASP B 380 13.25 -19.55 -13.96
CA ASP B 380 13.17 -18.17 -13.50
C ASP B 380 11.76 -17.64 -13.76
N LEU B 381 11.61 -16.31 -13.62
CA LEU B 381 10.30 -15.70 -13.71
C LEU B 381 9.85 -15.52 -15.16
N GLU B 382 10.80 -15.41 -16.11
CA GLU B 382 10.44 -15.37 -17.52
C GLU B 382 9.98 -16.73 -18.01
N ASP B 383 10.63 -17.79 -17.52
CA ASP B 383 10.23 -19.13 -17.89
C ASP B 383 8.80 -19.39 -17.45
N ALA B 384 8.56 -19.28 -16.14
CA ALA B 384 7.22 -19.54 -15.59
C ALA B 384 6.17 -18.75 -16.35
N ALA B 385 6.41 -17.45 -16.54
CA ALA B 385 5.46 -16.65 -17.29
C ALA B 385 5.23 -17.21 -18.69
N LYS B 386 6.33 -17.49 -19.40
CA LYS B 386 6.21 -18.00 -20.77
C LYS B 386 5.49 -19.35 -20.79
N LYS B 387 5.94 -20.28 -19.94
CA LYS B 387 5.31 -21.60 -19.89
C LYS B 387 3.83 -21.49 -19.53
N ALA B 388 3.52 -20.74 -18.47
CA ALA B 388 2.13 -20.61 -18.06
C ALA B 388 1.25 -20.07 -19.19
N VAL B 389 1.74 -19.07 -19.93
CA VAL B 389 0.94 -18.50 -21.02
C VAL B 389 0.67 -19.55 -22.09
N ALA B 390 1.65 -20.43 -22.33
CA ALA B 390 1.47 -21.49 -23.32
C ALA B 390 0.36 -22.47 -22.94
N SER B 391 0.20 -22.72 -21.63
CA SER B 391 -0.71 -23.77 -21.17
C SER B 391 -2.17 -23.55 -21.56
N VAL B 392 -2.53 -22.35 -22.04
CA VAL B 392 -3.88 -22.08 -22.53
C VAL B 392 -3.78 -21.52 -23.94
N ALA B 393 -4.75 -21.87 -24.79
CA ALA B 393 -4.83 -21.39 -26.18
C ALA B 393 -6.13 -21.83 -26.85
N1A COA C . 10.33 -2.26 22.41
C2A COA C . 10.85 -3.50 22.33
N3A COA C . 10.22 -4.67 22.29
C4A COA C . 8.90 -4.50 22.37
C5A COA C . 8.21 -3.31 22.47
C6A COA C . 8.99 -2.13 22.50
N6A COA C . 8.48 -0.91 22.58
N7A COA C . 6.85 -3.54 22.53
C8A COA C . 6.73 -4.85 22.46
N9A COA C . 7.94 -5.48 22.36
C1B COA C . 8.19 -6.90 22.22
C2B COA C . 7.18 -7.88 22.78
O2B COA C . 7.13 -7.94 24.18
C3B COA C . 7.65 -9.18 22.09
O3B COA C . 8.64 -9.82 22.91
P3B COA C . 8.09 -10.91 23.98
O7A COA C . 9.29 -11.64 24.50
O8A COA C . 7.38 -10.11 25.09
O9A COA C . 7.13 -11.82 23.22
C4B COA C . 8.32 -8.65 20.80
O4B COA C . 8.15 -7.22 20.85
C5B COA C . 7.87 -9.24 19.48
O5B COA C . 6.52 -9.70 19.60
P1A COA C . 6.05 -11.10 18.97
O1A COA C . 4.66 -11.41 19.44
O2A COA C . 7.11 -12.13 19.16
O3A COA C . 5.94 -10.69 17.43
P2A COA C . 6.57 -11.26 16.08
O4A COA C . 8.06 -11.21 16.17
O5A COA C . 5.88 -12.53 15.70
O6A COA C . 6.04 -10.16 15.05
CBP COA C . 6.51 -8.14 13.87
CCP COA C . 6.37 -8.77 15.25
CDP COA C . 6.91 -6.68 14.03
CEP COA C . 7.60 -8.87 13.10
CAP COA C . 5.20 -8.24 13.08
OAP COA C . 4.23 -7.40 13.69
C9P COA C . 5.40 -7.83 11.63
O9P COA C . 5.60 -6.65 11.33
N8P COA C . 5.33 -8.81 10.73
C7P COA C . 6.15 -8.90 9.53
C6P COA C . 5.94 -7.75 8.57
C5P COA C . 6.93 -7.74 7.43
O5P COA C . 7.15 -8.76 6.79
N4P COA C . 7.52 -6.57 7.12
C3P COA C . 8.67 -6.52 6.22
C2P COA C . 8.40 -5.73 4.95
S1P COA C . 9.59 -6.14 3.65
P PO4 D . 7.27 -7.29 -0.70
O1 PO4 D . 5.93 -7.47 -0.01
O2 PO4 D . 7.20 -7.28 -2.20
O3 PO4 D . 8.24 -8.41 -0.30
O4 PO4 D . 7.79 -5.93 -0.24
#